data_2XTL
#
_entry.id   2XTL
#
_cell.length_a   63.863
_cell.length_b   104.681
_cell.length_c   159.250
_cell.angle_alpha   90.00
_cell.angle_beta   90.00
_cell.angle_gamma   90.00
#
_symmetry.space_group_name_H-M   'P 21 21 21'
#
loop_
_entity.id
_entity.type
_entity.pdbx_description
1 polymer 'CELL WALL SURFACE ANCHOR FAMILY PROTEIN'
2 non-polymer 'POTASSIUM ION'
3 water water
#
_entity_poly.entity_id   1
_entity_poly.type   'polypeptide(L)'
_entity_poly.pdbx_seq_one_letter_code
;NTETKPQVDKNFADKELDYANNKKDKGTVSASVGDVKKYHVGTKILKGSDYKKLIWTDSMTKGLTFNNDIAVTLDGATLD
ATNYKLVADDQGFRLVLTDKGLEAVAKAAKTKDVEIKITYSATLNGSAVVEVLETNDVKLDYGNNPTIENEPKEGIPVDK
KITVNKTWAVDGNEVNKADETVDAVFTLQVKDGDKWVNVDSAKATAATSFKHTFENLDNAKTYRVIERVSGYAPEYVSFV
NGVVTIKNNKDSNEPTPINPSEPKVVTYGRKFVKTNKDGKERLAGATFLVKKDGKYLARKSGVATDAEKAAVDSTKSALD
AAVKAYNDLTKEKQEGQDGKSALATVSEKQKAYNDAFVKANYSYEWVEDKNAKNVVKLISNDKGQFEITGLTEGQYSLEE
TQAPTGYAKLSGDVSFNVNATSYSKGSAQDIEYTQGSKTKDAQQVINKKVTI
;
_entity_poly.pdbx_strand_id   A,B
#
# COMPACT_ATOMS: atom_id res chain seq x y z
N GLU A 3 19.19 25.49 1.41
CA GLU A 3 19.58 24.49 0.43
C GLU A 3 21.06 24.09 0.54
N THR A 4 21.50 23.74 1.73
CA THR A 4 22.86 23.32 1.96
C THR A 4 22.98 21.80 1.96
N LYS A 5 21.84 21.15 1.82
CA LYS A 5 21.72 19.71 1.92
C LYS A 5 22.53 19.01 0.83
N PRO A 6 22.96 17.79 1.11
CA PRO A 6 23.62 16.99 0.08
C PRO A 6 22.61 16.66 -0.99
N GLN A 7 23.07 16.51 -2.21
CA GLN A 7 22.21 16.06 -3.30
C GLN A 7 22.62 14.62 -3.58
N VAL A 8 21.62 13.75 -3.79
CA VAL A 8 21.87 12.34 -4.03
C VAL A 8 21.03 11.86 -5.19
N ASP A 9 21.64 11.08 -6.09
CA ASP A 9 20.88 10.37 -7.10
C ASP A 9 21.41 8.97 -7.30
N LYS A 10 20.54 8.09 -7.78
CA LYS A 10 20.88 6.71 -8.10
C LYS A 10 20.24 6.31 -9.42
N ASN A 11 20.99 5.56 -10.23
CA ASN A 11 20.45 4.95 -11.44
C ASN A 11 21.34 3.78 -11.85
N PHE A 12 20.99 3.14 -12.96
CA PHE A 12 21.90 2.19 -13.57
C PHE A 12 23.15 2.95 -13.99
N ALA A 13 24.27 2.24 -14.03
CA ALA A 13 25.57 2.85 -14.34
C ALA A 13 25.62 3.54 -15.72
N ASP A 14 24.81 3.04 -16.66
CA ASP A 14 24.78 3.59 -18.03
C ASP A 14 23.79 4.75 -18.20
N LYS A 15 23.15 5.19 -17.11
CA LYS A 15 22.23 6.31 -17.13
C LYS A 15 22.80 7.47 -16.31
N GLU A 16 22.82 8.66 -16.89
CA GLU A 16 23.42 9.82 -16.22
C GLU A 16 22.62 10.18 -14.97
N LEU A 17 23.35 10.60 -13.92
CA LEU A 17 22.71 11.09 -12.72
C LEU A 17 22.12 12.48 -12.96
N ASP A 18 21.09 12.81 -12.21
CA ASP A 18 20.44 14.11 -12.29
C ASP A 18 19.99 14.53 -10.90
N TYR A 19 20.85 15.29 -10.23
CA TYR A 19 20.61 15.71 -8.86
C TYR A 19 19.38 16.60 -8.75
N ALA A 20 19.16 17.41 -9.78
CA ALA A 20 18.04 18.35 -9.80
C ALA A 20 16.68 17.67 -10.04
N ASN A 21 16.70 16.44 -10.53
CA ASN A 21 15.48 15.66 -10.77
CA ASN A 21 15.47 15.66 -10.76
C ASN A 21 15.66 14.22 -10.27
N ASN A 22 16.03 14.10 -8.99
CA ASN A 22 16.41 12.79 -8.42
C ASN A 22 15.28 11.84 -8.05
N LYS A 23 14.03 12.26 -8.24
CA LYS A 23 12.86 11.42 -7.96
C LYS A 23 12.02 11.18 -9.22
N LYS A 24 12.61 11.43 -10.39
CA LYS A 24 11.94 11.15 -11.65
C LYS A 24 11.74 9.65 -11.87
N ASP A 25 10.70 9.30 -12.63
CA ASP A 25 10.48 7.93 -13.09
C ASP A 25 11.70 7.50 -13.88
N LYS A 26 12.32 6.38 -13.46
CA LYS A 26 13.49 5.85 -14.13
C LYS A 26 13.20 4.56 -14.88
N GLY A 27 11.91 4.27 -15.04
CA GLY A 27 11.45 3.22 -15.93
C GLY A 27 11.60 1.80 -15.40
N THR A 28 11.15 0.87 -16.22
CA THR A 28 11.24 -0.56 -15.94
C THR A 28 12.00 -1.20 -17.10
N VAL A 29 13.04 -1.96 -16.78
CA VAL A 29 13.81 -2.66 -17.81
C VAL A 29 13.66 -4.17 -17.65
N SER A 30 13.57 -4.85 -18.78
CA SER A 30 13.45 -6.29 -18.88
C SER A 30 14.82 -6.94 -18.65
N ALA A 31 14.84 -8.08 -17.98
CA ALA A 31 16.08 -8.84 -17.79
C ALA A 31 15.78 -10.33 -17.68
N SER A 32 16.82 -11.15 -17.88
CA SER A 32 16.72 -12.59 -17.62
C SER A 32 17.32 -12.88 -16.25
N VAL A 33 16.77 -13.87 -15.57
CA VAL A 33 17.34 -14.30 -14.28
C VAL A 33 18.80 -14.70 -14.52
N GLY A 34 19.68 -14.18 -13.66
CA GLY A 34 21.12 -14.36 -13.82
C GLY A 34 21.83 -13.13 -14.35
N ASP A 35 21.06 -12.20 -14.93
CA ASP A 35 21.62 -10.94 -15.43
C ASP A 35 22.11 -10.07 -14.28
N VAL A 36 23.22 -9.39 -14.52
CA VAL A 36 23.76 -8.43 -13.55
C VAL A 36 23.40 -7.01 -13.98
N LYS A 37 22.86 -6.24 -13.03
CA LYS A 37 22.58 -4.82 -13.23
C LYS A 37 23.59 -4.01 -12.42
N LYS A 38 24.26 -3.08 -13.11
CA LYS A 38 25.25 -2.21 -12.50
C LYS A 38 24.62 -0.88 -12.11
N TYR A 39 24.96 -0.41 -10.90
CA TYR A 39 24.39 0.81 -10.34
C TYR A 39 25.48 1.82 -10.01
N HIS A 40 25.08 3.09 -9.99
CA HIS A 40 25.91 4.14 -9.38
C HIS A 40 25.03 5.08 -8.58
N VAL A 41 25.57 5.49 -7.43
CA VAL A 41 24.93 6.42 -6.53
C VAL A 41 25.89 7.58 -6.36
N GLY A 42 25.42 8.78 -6.70
CA GLY A 42 26.23 9.99 -6.55
C GLY A 42 25.74 10.80 -5.38
N THR A 43 26.68 11.42 -4.68
CA THR A 43 26.34 12.35 -3.61
C THR A 43 27.20 13.58 -3.76
N LYS A 44 26.56 14.73 -3.96
CA LYS A 44 27.23 16.00 -4.07
C LYS A 44 27.19 16.69 -2.71
N ILE A 45 28.36 16.99 -2.16
CA ILE A 45 28.50 17.63 -0.88
C ILE A 45 28.93 19.07 -1.17
N LEU A 46 28.14 20.04 -0.72
CA LEU A 46 28.40 21.44 -1.07
C LEU A 46 29.61 22.00 -0.33
N LYS A 47 30.28 22.95 -0.98
CA LYS A 47 31.39 23.67 -0.38
C LYS A 47 31.09 24.09 1.06
N GLY A 48 32.04 23.84 1.96
CA GLY A 48 31.91 24.26 3.36
C GLY A 48 31.22 23.27 4.29
N SER A 49 30.74 22.15 3.75
CA SER A 49 30.06 21.13 4.56
C SER A 49 31.01 20.48 5.57
N ASP A 50 30.52 20.24 6.77
CA ASP A 50 31.32 19.60 7.83
C ASP A 50 30.49 18.50 8.50
N TYR A 51 29.90 17.64 7.68
CA TYR A 51 29.05 16.57 8.19
C TYR A 51 29.89 15.60 9.03
N LYS A 52 29.31 15.15 10.14
CA LYS A 52 29.96 14.18 11.02
C LYS A 52 29.26 12.83 10.96
N LYS A 53 28.29 12.71 10.04
CA LYS A 53 27.59 11.46 9.77
C LYS A 53 27.19 11.43 8.30
N LEU A 54 27.62 10.39 7.59
CA LEU A 54 27.22 10.13 6.21
C LEU A 54 27.03 8.63 6.04
N ILE A 55 25.77 8.22 5.85
CA ILE A 55 25.40 6.81 5.85
C ILE A 55 24.47 6.50 4.70
N TRP A 56 24.89 5.61 3.80
CA TRP A 56 24.04 5.18 2.69
C TRP A 56 23.51 3.78 2.98
N THR A 57 22.20 3.62 2.89
CA THR A 57 21.56 2.30 3.04
C THR A 57 20.80 1.99 1.78
N ASP A 58 21.10 0.84 1.16
CA ASP A 58 20.33 0.34 0.03
C ASP A 58 19.64 -0.94 0.44
N SER A 59 18.31 -0.92 0.36
CA SER A 59 17.49 -2.09 0.65
C SER A 59 16.84 -2.59 -0.63
N MET A 60 17.17 -3.82 -1.00
CA MET A 60 16.72 -4.39 -2.26
C MET A 60 15.63 -5.43 -2.05
N THR A 61 14.81 -5.61 -3.09
CA THR A 61 13.83 -6.68 -3.13
C THR A 61 14.51 -8.06 -3.23
N LYS A 62 13.72 -9.09 -2.91
CA LYS A 62 14.24 -10.45 -2.70
CA LYS A 62 14.24 -10.45 -2.69
C LYS A 62 14.87 -11.06 -3.95
N GLY A 63 14.39 -10.65 -5.12
CA GLY A 63 14.90 -11.14 -6.39
C GLY A 63 16.17 -10.46 -6.87
N LEU A 64 16.71 -9.54 -6.07
CA LEU A 64 18.01 -8.96 -6.36
C LEU A 64 19.02 -9.41 -5.32
N THR A 65 20.11 -10.02 -5.76
CA THR A 65 21.22 -10.38 -4.87
C THR A 65 22.27 -9.29 -4.98
N PHE A 66 22.50 -8.57 -3.88
CA PHE A 66 23.58 -7.58 -3.85
C PHE A 66 24.91 -8.31 -4.02
N ASN A 67 25.74 -7.83 -4.95
CA ASN A 67 26.99 -8.55 -5.31
C ASN A 67 28.22 -8.20 -4.47
N ASN A 68 28.05 -7.35 -3.46
CA ASN A 68 29.11 -7.04 -2.50
C ASN A 68 30.38 -6.60 -3.22
N ASP A 69 30.21 -5.66 -4.13
CA ASP A 69 31.30 -5.19 -4.99
C ASP A 69 31.38 -3.67 -4.99
N ILE A 70 31.08 -3.08 -3.84
CA ILE A 70 31.15 -1.63 -3.69
C ILE A 70 32.55 -1.09 -3.93
N ALA A 71 32.61 -0.04 -4.74
CA ALA A 71 33.78 0.83 -4.83
C ALA A 71 33.33 2.27 -4.65
N VAL A 72 34.13 3.04 -3.91
CA VAL A 72 33.82 4.43 -3.60
C VAL A 72 34.90 5.35 -4.15
N THR A 73 34.48 6.47 -4.73
CA THR A 73 35.41 7.51 -5.16
C THR A 73 35.02 8.87 -4.56
N LEU A 74 36.03 9.71 -4.37
CA LEU A 74 35.85 11.09 -3.91
C LEU A 74 36.50 11.98 -4.95
N ASP A 75 35.67 12.81 -5.60
CA ASP A 75 36.09 13.60 -6.74
C ASP A 75 36.90 12.78 -7.75
N GLY A 76 36.41 11.57 -8.00
CA GLY A 76 36.94 10.71 -9.05
C GLY A 76 38.04 9.76 -8.62
N ALA A 77 38.70 10.05 -7.50
CA ALA A 77 39.82 9.24 -7.03
C ALA A 77 39.32 8.21 -6.03
N THR A 78 39.89 7.01 -6.07
CA THR A 78 39.47 5.95 -5.17
C THR A 78 39.59 6.37 -3.70
N LEU A 79 38.56 6.05 -2.94
CA LEU A 79 38.53 6.22 -1.50
C LEU A 79 38.46 4.80 -0.93
N ASP A 80 39.53 4.36 -0.28
CA ASP A 80 39.63 2.95 0.14
C ASP A 80 38.83 2.65 1.41
N ALA A 81 38.86 1.38 1.82
CA ALA A 81 38.00 0.88 2.89
C ALA A 81 38.35 1.39 4.30
N THR A 82 39.49 2.07 4.46
CA THR A 82 39.79 2.74 5.72
C THR A 82 38.88 3.95 5.92
N ASN A 83 38.19 4.36 4.87
CA ASN A 83 37.30 5.53 4.92
C ASN A 83 35.84 5.22 5.24
N TYR A 84 35.50 3.93 5.35
CA TYR A 84 34.12 3.55 5.63
C TYR A 84 33.99 2.19 6.30
N LYS A 85 32.84 1.98 6.94
CA LYS A 85 32.47 0.71 7.55
C LYS A 85 31.27 0.20 6.78
N LEU A 86 31.32 -1.06 6.35
CA LEU A 86 30.26 -1.63 5.52
C LEU A 86 29.65 -2.86 6.19
N VAL A 87 28.33 -2.88 6.32
CA VAL A 87 27.59 -4.07 6.72
C VAL A 87 26.75 -4.49 5.53
N ALA A 88 27.10 -5.63 4.94
CA ALA A 88 26.46 -6.12 3.73
C ALA A 88 25.68 -7.38 4.04
N ASP A 89 24.53 -7.54 3.40
CA ASP A 89 23.84 -8.81 3.39
C ASP A 89 23.43 -9.11 1.94
N ASP A 90 22.74 -10.22 1.71
CA ASP A 90 22.42 -10.59 0.32
C ASP A 90 21.42 -9.65 -0.36
N GLN A 91 20.68 -8.85 0.41
CA GLN A 91 19.66 -7.96 -0.15
C GLN A 91 19.92 -6.48 0.12
N GLY A 92 21.15 -6.14 0.46
CA GLY A 92 21.53 -4.74 0.57
C GLY A 92 22.70 -4.49 1.46
N PHE A 93 22.86 -3.22 1.85
CA PHE A 93 24.01 -2.82 2.65
C PHE A 93 23.76 -1.52 3.40
N ARG A 94 24.60 -1.30 4.41
CA ARG A 94 24.66 -0.04 5.15
C ARG A 94 26.13 0.39 5.12
N LEU A 95 26.41 1.52 4.48
CA LEU A 95 27.77 2.04 4.34
C LEU A 95 27.91 3.33 5.14
N VAL A 96 28.81 3.31 6.12
CA VAL A 96 28.98 4.40 7.08
C VAL A 96 30.39 4.95 6.94
N LEU A 97 30.52 6.24 6.64
CA LEU A 97 31.86 6.82 6.59
C LEU A 97 32.47 6.81 8.00
N THR A 98 33.75 6.47 8.07
CA THR A 98 34.51 6.52 9.30
C THR A 98 34.93 7.95 9.58
N ASP A 99 35.46 8.20 10.77
CA ASP A 99 36.01 9.52 11.10
C ASP A 99 37.01 9.97 10.04
N LYS A 100 37.87 9.05 9.59
CA LYS A 100 38.83 9.32 8.52
C LYS A 100 38.13 9.75 7.22
N GLY A 101 37.10 9.01 6.82
CA GLY A 101 36.35 9.31 5.62
C GLY A 101 35.64 10.65 5.69
N LEU A 102 34.99 10.91 6.82
CA LEU A 102 34.28 12.17 7.05
C LEU A 102 35.23 13.36 6.97
N GLU A 103 36.41 13.22 7.56
CA GLU A 103 37.38 14.32 7.54
C GLU A 103 37.94 14.54 6.14
N ALA A 104 38.13 13.46 5.38
CA ALA A 104 38.59 13.57 3.99
C ALA A 104 37.57 14.33 3.14
N VAL A 105 36.29 14.04 3.37
CA VAL A 105 35.22 14.72 2.66
C VAL A 105 35.16 16.20 3.07
N ALA A 106 35.26 16.48 4.37
CA ALA A 106 35.22 17.86 4.87
C ALA A 106 36.41 18.67 4.35
N LYS A 107 37.58 18.06 4.34
CA LYS A 107 38.79 18.73 3.87
C LYS A 107 38.69 19.06 2.38
N ALA A 108 38.20 18.10 1.59
CA ALA A 108 37.98 18.32 0.17
C ALA A 108 36.96 19.43 -0.07
N ALA A 109 35.89 19.44 0.73
CA ALA A 109 34.77 20.36 0.53
C ALA A 109 35.04 21.80 0.96
N LYS A 110 36.14 22.05 1.67
CA LYS A 110 36.36 23.41 2.20
C LYS A 110 36.63 24.44 1.11
N THR A 111 37.07 24.00 -0.07
CA THR A 111 37.35 24.90 -1.20
C THR A 111 36.39 24.76 -2.39
N LYS A 112 35.61 23.68 -2.45
CA LYS A 112 34.70 23.44 -3.58
C LYS A 112 33.63 22.40 -3.25
N ASP A 113 32.61 22.31 -4.10
CA ASP A 113 31.66 21.19 -4.04
C ASP A 113 32.43 19.92 -4.35
N VAL A 114 32.08 18.82 -3.69
CA VAL A 114 32.73 17.54 -3.96
C VAL A 114 31.70 16.49 -4.25
N GLU A 115 32.09 15.49 -5.03
CA GLU A 115 31.21 14.39 -5.40
C GLU A 115 31.75 13.06 -4.90
N ILE A 116 30.90 12.34 -4.18
CA ILE A 116 31.17 10.97 -3.79
C ILE A 116 30.38 10.09 -4.74
N LYS A 117 31.03 9.08 -5.31
CA LYS A 117 30.34 8.10 -6.14
C LYS A 117 30.54 6.72 -5.55
N ILE A 118 29.44 5.97 -5.46
CA ILE A 118 29.46 4.61 -4.94
C ILE A 118 28.94 3.74 -6.07
N THR A 119 29.74 2.78 -6.51
CA THR A 119 29.33 1.86 -7.58
C THR A 119 29.24 0.44 -7.03
N TYR A 120 28.28 -0.32 -7.56
CA TYR A 120 28.07 -1.70 -7.19
C TYR A 120 27.06 -2.32 -8.16
N SER A 121 26.84 -3.62 -8.02
CA SER A 121 25.86 -4.31 -8.86
C SER A 121 25.01 -5.28 -8.06
N ALA A 122 23.92 -5.71 -8.69
CA ALA A 122 23.11 -6.79 -8.18
C ALA A 122 22.83 -7.81 -9.28
N THR A 123 22.58 -9.05 -8.88
CA THR A 123 22.18 -10.11 -9.79
C THR A 123 20.69 -10.41 -9.64
N LEU A 124 19.96 -10.41 -10.76
CA LEU A 124 18.57 -10.85 -10.76
C LEU A 124 18.56 -12.36 -10.52
N ASN A 125 17.92 -12.79 -9.43
CA ASN A 125 17.99 -14.19 -9.00
C ASN A 125 16.67 -14.94 -9.19
N GLY A 126 16.72 -16.25 -9.02
CA GLY A 126 15.60 -17.13 -9.31
C GLY A 126 14.38 -16.99 -8.40
N SER A 127 14.48 -16.19 -7.35
CA SER A 127 13.33 -15.83 -6.48
CA SER A 127 13.31 -15.89 -6.51
C SER A 127 12.45 -14.77 -7.11
N ALA A 128 12.92 -14.15 -8.19
CA ALA A 128 12.13 -13.14 -8.89
C ALA A 128 10.83 -13.79 -9.37
N VAL A 129 9.74 -13.03 -9.28
CA VAL A 129 8.43 -13.51 -9.72
C VAL A 129 8.07 -12.83 -11.03
N VAL A 130 7.60 -13.64 -11.97
CA VAL A 130 7.32 -13.16 -13.31
C VAL A 130 6.37 -11.95 -13.27
N GLU A 131 6.75 -10.90 -13.98
CA GLU A 131 5.97 -9.66 -14.12
C GLU A 131 5.84 -8.80 -12.85
N VAL A 132 6.55 -9.18 -11.79
CA VAL A 132 6.53 -8.40 -10.56
C VAL A 132 7.84 -7.64 -10.43
N LEU A 133 7.75 -6.32 -10.27
CA LEU A 133 8.92 -5.46 -10.32
C LEU A 133 9.88 -5.70 -9.16
N GLU A 134 11.17 -5.66 -9.48
CA GLU A 134 12.25 -5.71 -8.51
C GLU A 134 12.91 -4.35 -8.51
N THR A 135 13.48 -3.96 -7.37
CA THR A 135 14.12 -2.65 -7.25
C THR A 135 15.09 -2.60 -6.07
N ASN A 136 16.13 -1.80 -6.23
CA ASN A 136 16.93 -1.37 -5.10
C ASN A 136 16.29 -0.11 -4.53
N ASP A 137 16.80 0.29 -3.37
CA ASP A 137 16.36 1.50 -2.71
C ASP A 137 17.49 2.05 -1.86
N VAL A 138 18.11 3.13 -2.32
CA VAL A 138 19.11 3.82 -1.51
C VAL A 138 18.56 5.09 -0.87
N LYS A 139 19.10 5.41 0.30
CA LYS A 139 18.80 6.63 1.04
C LYS A 139 20.09 7.05 1.73
N LEU A 140 20.24 8.35 1.93
CA LEU A 140 21.38 8.89 2.67
C LEU A 140 20.92 9.50 3.99
N ASP A 141 21.44 8.98 5.09
CA ASP A 141 21.29 9.61 6.40
C ASP A 141 22.53 10.47 6.62
N TYR A 142 22.31 11.71 7.05
CA TYR A 142 23.43 12.64 7.24
C TYR A 142 23.15 13.62 8.36
N GLY A 143 24.21 14.26 8.85
CA GLY A 143 24.08 15.24 9.91
C GLY A 143 25.41 15.73 10.43
N ASN A 144 25.34 16.62 11.43
CA ASN A 144 26.53 17.31 11.91
C ASN A 144 27.08 16.79 13.23
N ASN A 145 26.47 15.75 13.77
CA ASN A 145 26.83 15.20 15.07
C ASN A 145 27.39 13.78 14.96
N PRO A 146 28.58 13.55 15.54
CA PRO A 146 29.09 12.19 15.58
C PRO A 146 28.11 11.27 16.25
N THR A 147 27.85 10.13 15.61
CA THR A 147 26.86 9.19 16.08
C THR A 147 27.50 7.80 16.14
N ILE A 148 27.39 7.17 17.30
CA ILE A 148 27.92 5.83 17.52
C ILE A 148 27.27 4.82 16.58
N GLU A 149 28.09 3.97 15.96
CA GLU A 149 27.58 2.93 15.08
C GLU A 149 27.52 1.60 15.85
N ASN A 150 26.32 1.14 16.17
CA ASN A 150 26.16 -0.10 16.93
C ASN A 150 26.21 -1.34 16.03
N GLU A 151 26.95 -2.36 16.45
CA GLU A 151 27.16 -3.57 15.62
C GLU A 151 26.07 -4.62 15.84
N PRO A 152 25.60 -5.27 14.75
CA PRO A 152 24.64 -6.36 14.89
C PRO A 152 25.16 -7.48 15.77
N LYS A 153 24.26 -8.14 16.49
CA LYS A 153 24.64 -9.19 17.42
C LYS A 153 24.32 -10.57 16.86
N GLU A 154 25.16 -11.55 17.21
CA GLU A 154 24.95 -12.94 16.83
C GLU A 154 24.31 -13.72 17.98
N GLY A 155 23.65 -14.82 17.64
CA GLY A 155 23.08 -15.69 18.65
C GLY A 155 22.47 -16.93 18.07
N ILE A 156 21.82 -17.71 18.92
CA ILE A 156 21.20 -18.96 18.49
C ILE A 156 19.69 -18.98 18.72
N PRO A 157 18.99 -19.89 18.04
CA PRO A 157 17.57 -20.02 18.31
C PRO A 157 17.28 -20.69 19.66
N VAL A 158 16.07 -20.49 20.15
CA VAL A 158 15.50 -21.27 21.24
C VAL A 158 14.19 -21.85 20.72
N ASP A 159 14.05 -23.18 20.83
CA ASP A 159 12.90 -23.92 20.28
CA ASP A 159 12.89 -23.90 20.29
C ASP A 159 12.64 -23.55 18.82
N LYS A 160 13.73 -23.46 18.05
CA LYS A 160 13.72 -23.23 16.61
C LYS A 160 13.19 -21.85 16.22
N LYS A 161 13.25 -20.90 17.17
CA LYS A 161 12.75 -19.55 16.98
C LYS A 161 13.75 -18.48 17.40
N ILE A 162 13.76 -17.38 16.65
CA ILE A 162 14.39 -16.14 17.07
C ILE A 162 13.35 -15.02 16.92
N THR A 163 13.15 -14.26 17.98
CA THR A 163 12.14 -13.21 18.00
C THR A 163 12.79 -11.84 18.14
N VAL A 164 12.40 -10.91 17.25
CA VAL A 164 12.81 -9.52 17.33
C VAL A 164 11.79 -8.75 18.17
N ASN A 165 12.30 -8.04 19.17
CA ASN A 165 11.54 -7.12 20.00
CA ASN A 165 11.53 -7.13 19.99
C ASN A 165 12.03 -5.71 19.71
N LYS A 166 11.18 -4.89 19.09
CA LYS A 166 11.59 -3.58 18.59
C LYS A 166 10.83 -2.44 19.25
N THR A 167 11.56 -1.38 19.59
CA THR A 167 10.96 -0.11 20.01
C THR A 167 11.60 1.06 19.26
N TRP A 168 11.01 2.24 19.43
CA TRP A 168 11.35 3.45 18.70
C TRP A 168 11.45 4.59 19.70
N ALA A 169 12.42 5.47 19.51
CA ALA A 169 12.60 6.62 20.38
C ALA A 169 13.11 7.84 19.63
N VAL A 170 12.62 9.01 20.00
CA VAL A 170 13.12 10.27 19.48
C VAL A 170 13.61 11.12 20.67
N ASP A 171 14.86 11.59 20.62
CA ASP A 171 15.45 12.34 21.73
C ASP A 171 15.33 11.59 23.07
N GLY A 172 15.42 10.26 23.02
CA GLY A 172 15.31 9.41 24.20
C GLY A 172 13.89 9.15 24.71
N ASN A 173 12.88 9.66 23.99
CA ASN A 173 11.47 9.49 24.39
C ASN A 173 10.83 8.40 23.53
N GLU A 174 10.25 7.38 24.14
CA GLU A 174 9.63 6.30 23.38
C GLU A 174 8.47 6.84 22.53
N VAL A 175 8.38 6.27 21.33
CA VAL A 175 7.37 6.64 20.33
C VAL A 175 6.55 5.39 20.03
N ASN A 176 5.22 5.52 20.06
CA ASN A 176 4.32 4.50 19.54
C ASN A 176 3.27 5.16 18.66
N LYS A 177 3.59 5.28 17.37
CA LYS A 177 2.74 6.02 16.45
C LYS A 177 2.53 5.19 15.19
N ALA A 178 1.32 4.63 15.08
CA ALA A 178 0.97 3.73 13.98
C ALA A 178 0.89 4.45 12.64
N ASP A 179 0.72 5.77 12.70
CA ASP A 179 0.62 6.64 11.52
C ASP A 179 1.96 7.22 11.05
N GLU A 180 3.05 6.92 11.76
CA GLU A 180 4.37 7.33 11.35
C GLU A 180 5.05 6.21 10.59
N THR A 181 5.23 6.42 9.28
CA THR A 181 5.86 5.42 8.43
C THR A 181 7.37 5.32 8.69
N VAL A 182 7.86 4.09 8.70
CA VAL A 182 9.29 3.77 8.76
C VAL A 182 9.62 2.70 7.72
N ASP A 183 10.91 2.48 7.48
CA ASP A 183 11.39 1.57 6.43
C ASP A 183 12.30 0.43 6.95
N ALA A 184 12.11 0.03 8.20
CA ALA A 184 13.01 -0.94 8.82
C ALA A 184 12.85 -2.33 8.21
N VAL A 185 13.97 -2.94 7.88
CA VAL A 185 14.00 -4.32 7.41
C VAL A 185 14.91 -5.10 8.35
N PHE A 186 14.39 -6.21 8.89
CA PHE A 186 15.16 -7.08 9.77
C PHE A 186 15.52 -8.33 8.97
N THR A 187 16.80 -8.48 8.68
CA THR A 187 17.29 -9.62 7.92
C THR A 187 17.90 -10.65 8.87
N LEU A 188 17.43 -11.88 8.76
CA LEU A 188 17.99 -13.00 9.52
C LEU A 188 18.99 -13.70 8.61
N GLN A 189 20.24 -13.76 9.05
CA GLN A 189 21.27 -14.51 8.34
C GLN A 189 21.74 -15.68 9.20
N VAL A 190 22.13 -16.77 8.53
CA VAL A 190 22.74 -17.93 9.16
C VAL A 190 24.22 -17.98 8.78
N LYS A 191 25.05 -18.43 9.72
CA LYS A 191 26.44 -18.70 9.42
C LYS A 191 26.52 -20.05 8.72
N ASP A 192 27.09 -20.05 7.52
CA ASP A 192 27.22 -21.25 6.72
C ASP A 192 28.67 -21.34 6.30
N GLY A 193 29.44 -22.18 6.98
CA GLY A 193 30.89 -22.21 6.80
C GLY A 193 31.47 -20.88 7.27
N ASP A 194 32.16 -20.18 6.37
CA ASP A 194 32.75 -18.86 6.69
C ASP A 194 31.88 -17.70 6.18
N LYS A 195 30.69 -18.01 5.70
CA LYS A 195 29.82 -17.06 5.02
C LYS A 195 28.59 -16.78 5.88
N TRP A 196 28.05 -15.56 5.79
CA TRP A 196 26.71 -15.25 6.28
C TRP A 196 25.75 -15.28 5.09
N VAL A 197 24.69 -16.07 5.18
CA VAL A 197 23.70 -16.18 4.11
C VAL A 197 22.33 -15.75 4.62
N ASN A 198 21.62 -14.92 3.84
CA ASN A 198 20.26 -14.50 4.20
C ASN A 198 19.32 -15.70 4.17
N VAL A 199 18.55 -15.89 5.24
CA VAL A 199 17.58 -16.99 5.27
C VAL A 199 16.13 -16.53 5.46
N ASP A 200 15.92 -15.32 5.99
CA ASP A 200 14.57 -14.80 6.20
C ASP A 200 14.64 -13.29 6.44
N SER A 201 13.49 -12.63 6.35
CA SER A 201 13.41 -11.20 6.55
CA SER A 201 13.40 -11.19 6.48
C SER A 201 12.02 -10.79 7.02
N ALA A 202 11.96 -9.65 7.69
CA ALA A 202 10.70 -9.09 8.17
C ALA A 202 10.76 -7.57 8.14
N LYS A 203 9.63 -6.94 7.86
CA LYS A 203 9.57 -5.48 7.77
C LYS A 203 8.70 -4.91 8.87
N ALA A 204 9.14 -3.78 9.43
CA ALA A 204 8.29 -2.93 10.29
C ALA A 204 7.98 -1.71 9.46
N THR A 205 6.70 -1.33 9.40
CA THR A 205 6.28 -0.23 8.54
C THR A 205 5.79 0.99 9.29
N ALA A 206 5.70 0.91 10.62
CA ALA A 206 5.35 2.06 11.44
C ALA A 206 6.20 2.13 12.68
N ALA A 207 6.33 3.35 13.22
CA ALA A 207 7.10 3.58 14.43
C ALA A 207 6.29 3.17 15.66
N THR A 208 5.96 1.87 15.72
CA THR A 208 5.19 1.27 16.81
C THR A 208 6.00 0.14 17.43
N SER A 209 5.85 -0.07 18.73
CA SER A 209 6.41 -1.26 19.37
C SER A 209 5.99 -2.47 18.54
N PHE A 210 6.92 -3.38 18.30
CA PHE A 210 6.80 -4.38 17.25
C PHE A 210 7.52 -5.64 17.67
N LYS A 211 6.96 -6.79 17.32
CA LYS A 211 7.63 -8.08 17.51
C LYS A 211 7.43 -8.92 16.27
N HIS A 212 8.44 -9.69 15.93
CA HIS A 212 8.32 -10.68 14.88
C HIS A 212 9.11 -11.93 15.25
N THR A 213 8.53 -13.09 15.02
CA THR A 213 9.18 -14.36 15.32
C THR A 213 9.55 -15.10 14.03
N PHE A 214 10.86 -15.30 13.85
CA PHE A 214 11.39 -16.17 12.81
C PHE A 214 11.29 -17.62 13.30
N GLU A 215 10.69 -18.49 12.49
CA GLU A 215 10.43 -19.89 12.86
C GLU A 215 11.21 -20.86 11.97
N ASN A 216 11.16 -22.14 12.30
CA ASN A 216 11.79 -23.21 11.51
C ASN A 216 13.33 -23.13 11.46
N LEU A 217 13.93 -22.65 12.54
CA LEU A 217 15.37 -22.48 12.60
C LEU A 217 16.03 -23.72 13.19
N ASP A 218 17.35 -23.78 13.03
CA ASP A 218 18.16 -24.90 13.49
C ASP A 218 18.81 -24.50 14.81
N ASN A 219 18.44 -25.18 15.89
CA ASN A 219 18.97 -24.89 17.23
C ASN A 219 20.49 -24.99 17.34
N ALA A 220 21.11 -25.77 16.47
CA ALA A 220 22.56 -25.97 16.49
C ALA A 220 23.34 -24.93 15.68
N LYS A 221 22.63 -24.06 14.95
CA LYS A 221 23.30 -23.10 14.07
C LYS A 221 23.35 -21.71 14.69
N THR A 222 24.25 -20.89 14.16
CA THR A 222 24.45 -19.51 14.64
C THR A 222 23.87 -18.54 13.62
N TYR A 223 23.16 -17.55 14.12
CA TYR A 223 22.46 -16.55 13.30
C TYR A 223 22.81 -15.14 13.73
N ARG A 224 22.41 -14.16 12.91
CA ARG A 224 22.42 -12.77 13.32
C ARG A 224 21.28 -12.04 12.65
N VAL A 225 20.80 -11.00 13.32
CA VAL A 225 19.80 -10.11 12.74
C VAL A 225 20.46 -8.78 12.43
N ILE A 226 20.34 -8.36 11.17
CA ILE A 226 20.86 -7.10 10.68
C ILE A 226 19.68 -6.23 10.29
N GLU A 227 19.63 -5.01 10.83
CA GLU A 227 18.57 -4.06 10.49
C GLU A 227 19.07 -3.08 9.43
N ARG A 228 18.25 -2.87 8.41
CA ARG A 228 18.43 -1.77 7.46
C ARG A 228 17.28 -0.80 7.64
N VAL A 229 17.62 0.46 7.93
CA VAL A 229 16.62 1.47 8.26
C VAL A 229 17.23 2.84 8.02
N SER A 230 16.39 3.83 7.73
CA SER A 230 16.82 5.23 7.61
C SER A 230 16.03 6.13 8.56
N GLY A 231 16.56 7.33 8.80
CA GLY A 231 15.97 8.26 9.79
C GLY A 231 16.41 7.81 11.17
N TYR A 232 15.82 6.72 11.63
CA TYR A 232 16.25 6.06 12.86
C TYR A 232 17.54 5.28 12.58
N ALA A 233 18.25 4.94 13.65
CA ALA A 233 19.41 4.04 13.58
C ALA A 233 19.27 3.00 14.69
N PRO A 234 19.70 1.76 14.40
CA PRO A 234 19.50 0.67 15.34
C PRO A 234 20.48 0.67 16.49
N GLU A 235 19.98 0.33 17.67
CA GLU A 235 20.80 -0.02 18.81
C GLU A 235 20.51 -1.49 19.13
N TYR A 236 21.50 -2.36 18.91
CA TYR A 236 21.33 -3.78 19.17
C TYR A 236 21.56 -4.03 20.66
N VAL A 237 20.47 -4.02 21.41
CA VAL A 237 20.55 -3.99 22.86
C VAL A 237 21.06 -5.33 23.40
N SER A 238 20.45 -6.41 22.96
CA SER A 238 20.81 -7.74 23.45
C SER A 238 20.32 -8.83 22.51
N PHE A 239 20.97 -9.98 22.61
CA PHE A 239 20.56 -11.19 21.91
C PHE A 239 20.77 -12.32 22.93
N VAL A 240 19.68 -12.72 23.59
CA VAL A 240 19.75 -13.72 24.65
C VAL A 240 18.42 -14.49 24.69
N ASN A 241 18.48 -15.77 25.00
CA ASN A 241 17.28 -16.62 25.14
C ASN A 241 16.39 -16.59 23.88
N GLY A 242 17.03 -16.54 22.72
CA GLY A 242 16.31 -16.53 21.45
C GLY A 242 15.54 -15.25 21.17
N VAL A 243 15.91 -14.17 21.84
CA VAL A 243 15.27 -12.87 21.60
C VAL A 243 16.33 -11.81 21.28
N VAL A 244 16.12 -11.11 20.18
CA VAL A 244 16.95 -9.99 19.80
C VAL A 244 16.17 -8.71 20.11
N THR A 245 16.68 -7.92 21.04
CA THR A 245 16.06 -6.66 21.40
C THR A 245 16.77 -5.51 20.68
N ILE A 246 16.00 -4.71 19.95
CA ILE A 246 16.54 -3.59 19.20
C ILE A 246 15.75 -2.32 19.54
N LYS A 247 16.48 -1.23 19.78
CA LYS A 247 15.89 0.09 19.97
C LYS A 247 16.32 0.97 18.79
N ASN A 248 15.35 1.61 18.15
CA ASN A 248 15.62 2.58 17.10
C ASN A 248 15.65 3.98 17.68
N ASN A 249 16.74 4.70 17.45
CA ASN A 249 16.92 6.06 17.96
C ASN A 249 17.01 7.10 16.86
N LYS A 250 16.47 8.29 17.15
CA LYS A 250 16.58 9.42 16.24
C LYS A 250 16.66 10.70 17.06
N ASP A 251 17.42 11.66 16.55
CA ASP A 251 17.49 13.00 17.12
CA ASP A 251 17.52 13.00 17.10
C ASP A 251 16.59 13.92 16.29
N SER A 252 15.67 14.61 16.97
CA SER A 252 14.71 15.46 16.25
C SER A 252 15.35 16.64 15.51
N ASN A 253 16.55 17.03 15.95
CA ASN A 253 17.25 18.17 15.34
C ASN A 253 18.02 17.81 14.07
N GLU A 254 18.05 16.53 13.73
CA GLU A 254 18.82 16.07 12.59
C GLU A 254 17.99 16.09 11.31
N PRO A 255 18.66 16.19 10.15
CA PRO A 255 17.94 16.26 8.88
C PRO A 255 17.22 14.96 8.49
N THR A 256 16.18 15.10 7.67
CA THR A 256 15.48 13.99 7.05
CA THR A 256 15.52 13.93 7.11
C THR A 256 16.41 13.36 6.01
N PRO A 257 16.36 12.02 5.82
CA PRO A 257 17.25 11.43 4.81
C PRO A 257 16.92 11.84 3.38
N ILE A 258 17.95 11.84 2.53
CA ILE A 258 17.76 12.09 1.10
C ILE A 258 17.42 10.76 0.45
N ASN A 259 16.36 10.77 -0.36
CA ASN A 259 15.79 9.53 -0.89
C ASN A 259 15.46 9.66 -2.38
N PRO A 260 16.42 9.33 -3.25
CA PRO A 260 16.15 9.41 -4.68
C PRO A 260 15.30 8.25 -5.16
N SER A 261 14.73 8.38 -6.36
CA SER A 261 14.02 7.27 -7.00
C SER A 261 15.03 6.27 -7.56
N GLU A 262 14.50 5.14 -8.00
CA GLU A 262 15.31 4.04 -8.53
C GLU A 262 14.66 3.42 -9.77
N PRO A 263 15.47 2.90 -10.70
CA PRO A 263 14.90 2.17 -11.82
C PRO A 263 14.40 0.80 -11.39
N LYS A 264 13.43 0.24 -12.12
CA LYS A 264 12.86 -1.06 -11.79
C LYS A 264 13.36 -2.12 -12.77
N VAL A 265 13.38 -3.36 -12.30
CA VAL A 265 13.79 -4.53 -13.09
C VAL A 265 12.66 -5.54 -13.10
N VAL A 266 12.47 -6.20 -14.24
CA VAL A 266 11.40 -7.19 -14.36
C VAL A 266 11.81 -8.32 -15.30
N THR A 267 11.20 -9.48 -15.10
CA THR A 267 11.45 -10.62 -15.96
C THR A 267 10.11 -11.26 -16.33
N TYR A 268 10.09 -11.97 -17.45
CA TYR A 268 8.86 -12.40 -18.11
C TYR A 268 8.83 -13.90 -18.32
N GLY A 269 7.70 -14.40 -18.81
CA GLY A 269 7.53 -15.84 -18.99
C GLY A 269 6.49 -16.21 -20.02
N ARG A 270 6.31 -17.51 -20.19
CA ARG A 270 5.29 -18.06 -21.08
C ARG A 270 4.79 -19.40 -20.54
N LYS A 271 3.48 -19.62 -20.70
CA LYS A 271 2.84 -20.88 -20.36
C LYS A 271 2.42 -21.63 -21.62
N PHE A 272 2.47 -22.95 -21.56
CA PHE A 272 2.12 -23.82 -22.69
C PHE A 272 1.19 -24.95 -22.25
N VAL A 273 0.38 -25.45 -23.19
CA VAL A 273 -0.40 -26.67 -22.98
C VAL A 273 -0.21 -27.60 -24.19
N LYS A 274 0.28 -28.81 -23.93
CA LYS A 274 0.46 -29.83 -24.95
C LYS A 274 -0.86 -30.57 -25.17
N THR A 275 -1.35 -30.60 -26.41
CA THR A 275 -2.60 -31.26 -26.72
C THR A 275 -2.45 -32.16 -27.94
N ASN A 276 -3.45 -33.01 -28.17
CA ASN A 276 -3.57 -33.74 -29.43
C ASN A 276 -4.08 -32.79 -30.52
N LYS A 277 -4.38 -33.33 -31.70
CA LYS A 277 -4.71 -32.48 -32.86
C LYS A 277 -5.98 -31.64 -32.66
N ASP A 278 -7.05 -32.27 -32.19
CA ASP A 278 -8.34 -31.58 -32.03
C ASP A 278 -8.43 -30.76 -30.73
N GLY A 279 -7.44 -30.92 -29.86
CA GLY A 279 -7.35 -30.14 -28.63
C GLY A 279 -8.15 -30.68 -27.46
N LYS A 280 -8.80 -31.83 -27.64
CA LYS A 280 -9.67 -32.39 -26.61
C LYS A 280 -8.91 -33.23 -25.59
N GLU A 281 -7.68 -33.59 -25.92
CA GLU A 281 -6.83 -34.37 -25.05
C GLU A 281 -5.57 -33.57 -24.74
N ARG A 282 -5.28 -33.39 -23.46
CA ARG A 282 -4.04 -32.76 -23.03
C ARG A 282 -3.06 -33.85 -22.62
N LEU A 283 -1.79 -33.69 -22.99
CA LEU A 283 -0.84 -34.81 -23.01
C LEU A 283 0.33 -34.63 -22.08
N ALA A 284 0.64 -35.66 -21.29
CA ALA A 284 1.79 -35.66 -20.39
C ALA A 284 3.03 -36.25 -21.04
N GLY A 285 4.19 -35.81 -20.56
CA GLY A 285 5.47 -36.42 -20.93
C GLY A 285 6.22 -35.76 -22.07
N ALA A 286 5.61 -34.77 -22.72
CA ALA A 286 6.27 -34.02 -23.78
C ALA A 286 7.40 -33.21 -23.16
N THR A 287 8.62 -33.44 -23.64
CA THR A 287 9.82 -32.88 -23.03
C THR A 287 10.53 -31.93 -24.00
N PHE A 288 10.87 -30.73 -23.51
CA PHE A 288 11.43 -29.66 -24.35
C PHE A 288 12.61 -28.95 -23.70
N LEU A 289 13.61 -28.66 -24.52
CA LEU A 289 14.65 -27.69 -24.19
C LEU A 289 14.14 -26.30 -24.56
N VAL A 290 14.73 -25.27 -23.96
CA VAL A 290 14.45 -23.88 -24.32
C VAL A 290 15.70 -23.31 -25.00
N LYS A 291 15.49 -22.69 -26.15
CA LYS A 291 16.59 -22.29 -27.04
C LYS A 291 16.52 -20.81 -27.39
N LYS A 292 17.69 -20.17 -27.35
CA LYS A 292 17.85 -18.79 -27.77
C LYS A 292 19.11 -18.70 -28.62
N ASP A 293 18.95 -18.31 -29.88
CA ASP A 293 20.07 -18.14 -30.81
C ASP A 293 20.96 -19.38 -30.88
N GLY A 294 20.32 -20.54 -30.94
CA GLY A 294 21.02 -21.81 -31.11
C GLY A 294 21.67 -22.37 -29.87
N LYS A 295 21.49 -21.70 -28.73
CA LYS A 295 22.07 -22.15 -27.47
C LYS A 295 20.94 -22.49 -26.52
N TYR A 296 21.28 -23.24 -25.47
CA TYR A 296 20.28 -23.89 -24.64
C TYR A 296 20.27 -23.35 -23.22
N LEU A 297 19.06 -23.16 -22.70
CA LEU A 297 18.88 -22.60 -21.36
C LEU A 297 19.33 -23.60 -20.29
N ALA A 298 20.08 -23.12 -19.31
CA ALA A 298 20.55 -23.97 -18.22
C ALA A 298 20.58 -23.19 -16.93
N ARG A 299 20.71 -23.88 -15.81
CA ARG A 299 20.65 -23.23 -14.51
C ARG A 299 21.87 -23.53 -13.64
N LYS A 300 22.23 -22.57 -12.80
CA LYS A 300 23.22 -22.80 -11.76
C LYS A 300 22.73 -22.14 -10.48
N SER A 301 23.17 -22.64 -9.34
CA SER A 301 22.81 -22.03 -8.06
CA SER A 301 22.79 -22.03 -8.07
C SER A 301 23.38 -20.61 -7.96
N GLY A 302 22.66 -19.77 -7.22
CA GLY A 302 23.12 -18.41 -6.90
C GLY A 302 23.69 -18.40 -5.49
N VAL A 303 23.51 -17.31 -4.79
CA VAL A 303 23.92 -17.20 -3.40
C VAL A 303 22.92 -17.96 -2.53
N ALA A 304 23.38 -19.03 -1.91
CA ALA A 304 22.53 -19.92 -1.16
C ALA A 304 23.35 -20.73 -0.17
N THR A 305 22.68 -21.37 0.78
CA THR A 305 23.41 -22.22 1.72
C THR A 305 23.83 -23.51 1.04
N ASP A 306 24.80 -24.19 1.64
CA ASP A 306 25.22 -25.50 1.16
C ASP A 306 24.02 -26.46 1.06
N ALA A 307 23.16 -26.47 2.08
CA ALA A 307 21.99 -27.35 2.08
C ALA A 307 21.07 -27.08 0.90
N GLU A 308 20.84 -25.79 0.60
CA GLU A 308 19.96 -25.40 -0.48
C GLU A 308 20.55 -25.87 -1.81
N LYS A 309 21.87 -25.72 -1.97
CA LYS A 309 22.53 -26.17 -3.18
C LYS A 309 22.52 -27.71 -3.30
N ALA A 310 22.68 -28.40 -2.18
CA ALA A 310 22.65 -29.87 -2.15
C ALA A 310 21.27 -30.43 -2.52
N ALA A 311 20.22 -29.70 -2.16
CA ALA A 311 18.85 -30.07 -2.50
C ALA A 311 18.59 -30.07 -4.01
N VAL A 312 19.28 -29.20 -4.74
CA VAL A 312 19.22 -29.22 -6.21
C VAL A 312 19.68 -30.58 -6.74
N ASP A 313 20.79 -31.08 -6.21
CA ASP A 313 21.35 -32.34 -6.69
C ASP A 313 20.50 -33.54 -6.29
N SER A 314 20.01 -33.57 -5.05
CA SER A 314 19.22 -34.71 -4.60
C SER A 314 17.87 -34.76 -5.32
N THR A 315 17.22 -33.61 -5.52
CA THR A 315 15.97 -33.57 -6.27
C THR A 315 16.18 -33.95 -7.73
N LYS A 316 17.33 -33.54 -8.30
CA LYS A 316 17.64 -33.91 -9.69
C LYS A 316 17.83 -35.42 -9.82
N SER A 317 18.50 -36.03 -8.86
CA SER A 317 18.67 -37.48 -8.86
C SER A 317 17.32 -38.21 -8.82
N ALA A 318 16.40 -37.70 -8.00
CA ALA A 318 15.05 -38.29 -7.90
C ALA A 318 14.28 -38.15 -9.21
N LEU A 319 14.42 -36.99 -9.86
CA LEU A 319 13.78 -36.75 -11.15
C LEU A 319 14.32 -37.72 -12.19
N ASP A 320 15.65 -37.82 -12.26
CA ASP A 320 16.31 -38.70 -13.21
C ASP A 320 15.83 -40.13 -13.05
N ALA A 321 15.76 -40.59 -11.80
CA ALA A 321 15.26 -41.94 -11.50
C ALA A 321 13.81 -42.15 -11.96
N ALA A 322 12.95 -41.16 -11.72
CA ALA A 322 11.55 -41.24 -12.14
C ALA A 322 11.41 -41.27 -13.67
N VAL A 323 12.23 -40.49 -14.34
CA VAL A 323 12.22 -40.43 -15.81
C VAL A 323 12.67 -41.77 -16.40
N LYS A 324 13.73 -42.34 -15.80
CA LYS A 324 14.23 -43.65 -16.23
C LYS A 324 13.17 -44.72 -16.01
N ALA A 325 12.51 -44.68 -14.85
CA ALA A 325 11.45 -45.65 -14.54
C ALA A 325 10.33 -45.62 -15.58
N TYR A 326 9.95 -44.42 -16.03
CA TYR A 326 8.94 -44.31 -17.07
C TYR A 326 9.47 -44.80 -18.42
N ASN A 327 10.66 -44.34 -18.78
CA ASN A 327 11.25 -44.67 -20.08
C ASN A 327 11.55 -46.16 -20.23
N ASP A 328 11.76 -46.83 -19.11
CA ASP A 328 12.07 -48.27 -19.15
C ASP A 328 10.82 -49.14 -19.28
N LEU A 329 9.64 -48.57 -19.08
CA LEU A 329 8.38 -49.31 -19.28
C LEU A 329 8.21 -49.70 -20.74
N THR A 330 7.46 -50.77 -20.98
CA THR A 330 7.04 -51.14 -22.33
C THR A 330 6.09 -50.07 -22.86
N LYS A 331 5.95 -50.01 -24.17
CA LYS A 331 5.01 -49.09 -24.80
C LYS A 331 3.58 -49.32 -24.33
N GLU A 332 3.16 -50.57 -24.22
CA GLU A 332 1.80 -50.88 -23.78
C GLU A 332 1.56 -50.41 -22.33
N LYS A 333 2.58 -50.53 -21.48
CA LYS A 333 2.50 -50.02 -20.10
C LYS A 333 2.50 -48.49 -20.08
N GLN A 334 3.31 -47.87 -20.94
CA GLN A 334 3.36 -46.42 -21.05
C GLN A 334 2.02 -45.83 -21.50
N GLU A 335 1.33 -46.55 -22.38
CA GLU A 335 0.01 -46.12 -22.89
C GLU A 335 -1.11 -46.34 -21.88
N GLY A 336 -0.84 -47.11 -20.84
CA GLY A 336 -1.86 -47.50 -19.86
C GLY A 336 -1.67 -46.87 -18.48
N GLN A 337 -2.25 -47.53 -17.48
CA GLN A 337 -2.30 -46.99 -16.11
C GLN A 337 -0.91 -46.83 -15.47
N ASP A 338 -0.02 -47.79 -15.70
CA ASP A 338 1.32 -47.73 -15.13
C ASP A 338 2.14 -46.57 -15.69
N GLY A 339 1.96 -46.26 -16.97
CA GLY A 339 2.59 -45.11 -17.59
C GLY A 339 2.07 -43.79 -17.04
N LYS A 340 0.76 -43.68 -16.89
CA LYS A 340 0.15 -42.47 -16.37
C LYS A 340 0.62 -42.18 -14.94
N SER A 341 0.69 -43.22 -14.11
CA SER A 341 1.14 -43.06 -12.74
CA SER A 341 1.16 -43.10 -12.73
C SER A 341 2.63 -42.74 -12.68
N ALA A 342 3.42 -43.36 -13.57
CA ALA A 342 4.85 -43.06 -13.61
C ALA A 342 5.09 -41.61 -14.02
N LEU A 343 4.33 -41.12 -14.99
CA LEU A 343 4.46 -39.73 -15.44
C LEU A 343 3.99 -38.75 -14.37
N ALA A 344 2.98 -39.14 -13.60
CA ALA A 344 2.54 -38.31 -12.48
C ALA A 344 3.69 -38.16 -11.49
N THR A 345 4.39 -39.26 -11.20
CA THR A 345 5.58 -39.21 -10.35
C THR A 345 6.68 -38.31 -10.95
N VAL A 346 6.94 -38.46 -12.24
CA VAL A 346 7.90 -37.57 -12.92
C VAL A 346 7.56 -36.09 -12.69
N SER A 347 6.29 -35.73 -12.86
CA SER A 347 5.87 -34.33 -12.72
C SER A 347 6.01 -33.85 -11.27
N GLU A 348 5.78 -34.73 -10.30
CA GLU A 348 6.05 -34.40 -8.90
C GLU A 348 7.54 -34.13 -8.65
N LYS A 349 8.40 -34.98 -9.20
CA LYS A 349 9.86 -34.81 -9.02
C LYS A 349 10.36 -33.57 -9.77
N GLN A 350 9.76 -33.30 -10.93
CA GLN A 350 10.07 -32.08 -11.70
C GLN A 350 9.75 -30.82 -10.88
N LYS A 351 8.57 -30.80 -10.27
CA LYS A 351 8.17 -29.66 -9.42
C LYS A 351 9.16 -29.47 -8.26
N ALA A 352 9.57 -30.57 -7.63
CA ALA A 352 10.50 -30.49 -6.50
C ALA A 352 11.87 -29.97 -6.95
N TYR A 353 12.32 -30.40 -8.11
CA TYR A 353 13.60 -29.98 -8.68
C TYR A 353 13.57 -28.49 -9.00
N ASN A 354 12.50 -28.04 -9.65
CA ASN A 354 12.33 -26.62 -9.95
C ASN A 354 12.29 -25.78 -8.67
N ASP A 355 11.55 -26.28 -7.67
CA ASP A 355 11.43 -25.61 -6.38
C ASP A 355 12.78 -25.48 -5.68
N ALA A 356 13.59 -26.54 -5.74
CA ALA A 356 14.93 -26.51 -5.15
C ALA A 356 15.82 -25.46 -5.83
N PHE A 357 15.74 -25.36 -7.16
CA PHE A 357 16.54 -24.34 -7.86
C PHE A 357 16.10 -22.92 -7.47
N VAL A 358 14.80 -22.71 -7.31
CA VAL A 358 14.28 -21.40 -6.86
C VAL A 358 14.78 -21.06 -5.44
N LYS A 359 14.79 -22.05 -4.56
CA LYS A 359 15.27 -21.86 -3.19
C LYS A 359 16.78 -21.62 -3.15
N ALA A 360 17.49 -22.13 -4.16
CA ALA A 360 18.92 -21.88 -4.32
C ALA A 360 19.22 -20.60 -5.14
N ASN A 361 18.19 -19.77 -5.36
CA ASN A 361 18.36 -18.43 -5.94
C ASN A 361 19.07 -18.47 -7.28
N TYR A 362 18.60 -19.37 -8.14
CA TYR A 362 19.35 -19.73 -9.35
C TYR A 362 19.60 -18.56 -10.30
N SER A 363 20.62 -18.74 -11.13
CA SER A 363 20.89 -17.90 -12.28
C SER A 363 20.77 -18.76 -13.53
N TYR A 364 20.27 -18.17 -14.62
CA TYR A 364 20.34 -18.83 -15.92
C TYR A 364 21.70 -18.59 -16.57
N GLU A 365 22.07 -19.51 -17.46
CA GLU A 365 23.17 -19.34 -18.40
C GLU A 365 22.76 -20.04 -19.70
N TRP A 366 23.40 -19.65 -20.80
CA TRP A 366 23.11 -20.27 -22.10
C TRP A 366 24.31 -21.11 -22.51
N VAL A 367 24.07 -22.36 -22.87
CA VAL A 367 25.13 -23.31 -23.18
C VAL A 367 24.95 -23.92 -24.58
N GLU A 368 26.06 -24.24 -25.22
CA GLU A 368 26.01 -24.77 -26.59
C GLU A 368 25.62 -26.25 -26.63
N ASP A 369 26.00 -27.01 -25.61
CA ASP A 369 25.73 -28.45 -25.55
C ASP A 369 24.37 -28.76 -24.93
N LYS A 370 23.43 -29.27 -25.74
CA LYS A 370 22.10 -29.62 -25.24
C LYS A 370 22.11 -30.78 -24.24
N ASN A 371 23.22 -31.51 -24.15
CA ASN A 371 23.37 -32.62 -23.20
C ASN A 371 24.05 -32.21 -21.88
N ALA A 372 24.35 -30.93 -21.71
CA ALA A 372 24.92 -30.43 -20.45
C ALA A 372 24.03 -30.86 -19.29
N LYS A 373 24.65 -31.28 -18.18
CA LYS A 373 23.90 -31.79 -17.03
C LYS A 373 22.86 -30.81 -16.49
N ASN A 374 23.16 -29.52 -16.57
CA ASN A 374 22.30 -28.50 -15.97
C ASN A 374 21.31 -27.82 -16.93
N VAL A 375 21.13 -28.38 -18.13
CA VAL A 375 20.20 -27.80 -19.10
CA VAL A 375 20.20 -27.80 -19.10
C VAL A 375 18.76 -27.95 -18.61
N VAL A 376 17.94 -26.92 -18.90
CA VAL A 376 16.53 -26.91 -18.54
C VAL A 376 15.76 -27.84 -19.48
N LYS A 377 14.97 -28.72 -18.89
CA LYS A 377 14.01 -29.53 -19.63
C LYS A 377 12.64 -29.35 -19.01
N LEU A 378 11.70 -28.86 -19.83
CA LEU A 378 10.31 -28.71 -19.42
C LEU A 378 9.58 -30.00 -19.78
N ILE A 379 8.70 -30.44 -18.89
CA ILE A 379 7.98 -31.70 -19.06
C ILE A 379 6.50 -31.45 -18.85
N SER A 380 5.68 -31.78 -19.84
CA SER A 380 4.25 -31.54 -19.74
C SER A 380 3.66 -32.49 -18.70
N ASN A 381 2.77 -31.97 -17.88
CA ASN A 381 2.10 -32.78 -16.85
C ASN A 381 0.79 -33.36 -17.38
N ASP A 382 -0.03 -33.92 -16.49
CA ASP A 382 -1.25 -34.65 -16.90
C ASP A 382 -2.32 -33.74 -17.53
N LYS A 383 -2.23 -32.44 -17.26
CA LYS A 383 -3.10 -31.44 -17.87
C LYS A 383 -2.41 -30.76 -19.07
N GLY A 384 -1.30 -31.35 -19.54
CA GLY A 384 -0.56 -30.81 -20.68
C GLY A 384 0.29 -29.59 -20.35
N GLN A 385 0.33 -29.21 -19.08
CA GLN A 385 0.93 -27.93 -18.68
C GLN A 385 2.45 -27.98 -18.58
N PHE A 386 3.08 -26.93 -19.08
CA PHE A 386 4.45 -26.61 -18.72
C PHE A 386 4.66 -25.12 -18.96
N GLU A 387 5.72 -24.56 -18.36
CA GLU A 387 5.95 -23.12 -18.45
C GLU A 387 7.42 -22.74 -18.23
N ILE A 388 7.76 -21.52 -18.61
CA ILE A 388 9.10 -20.97 -18.37
C ILE A 388 8.96 -19.53 -17.88
N THR A 389 9.72 -19.18 -16.85
CA THR A 389 9.76 -17.80 -16.37
C THR A 389 11.21 -17.37 -16.20
N GLY A 390 11.44 -16.06 -16.05
CA GLY A 390 12.78 -15.52 -15.84
C GLY A 390 13.53 -15.16 -17.11
N LEU A 391 12.81 -14.91 -18.20
CA LEU A 391 13.41 -14.57 -19.49
C LEU A 391 13.13 -13.13 -19.85
N THR A 392 14.16 -12.45 -20.37
CA THR A 392 13.99 -11.11 -20.91
C THR A 392 13.11 -11.16 -22.16
N GLU A 393 12.48 -10.05 -22.48
CA GLU A 393 11.62 -9.98 -23.66
C GLU A 393 12.37 -10.36 -24.94
N GLY A 394 11.67 -11.03 -25.84
CA GLY A 394 12.24 -11.47 -27.12
C GLY A 394 11.67 -12.80 -27.59
N GLN A 395 12.23 -13.32 -28.68
CA GLN A 395 11.77 -14.57 -29.29
C GLN A 395 12.66 -15.74 -28.86
N TYR A 396 12.03 -16.86 -28.58
CA TYR A 396 12.71 -18.09 -28.15
C TYR A 396 12.12 -19.26 -28.89
N SER A 397 12.63 -20.45 -28.64
CA SER A 397 11.98 -21.65 -29.16
C SER A 397 12.09 -22.82 -28.20
N LEU A 398 11.15 -23.75 -28.35
CA LEU A 398 11.21 -25.04 -27.67
C LEU A 398 11.76 -26.05 -28.65
N GLU A 399 12.78 -26.80 -28.24
CA GLU A 399 13.24 -27.94 -29.01
C GLU A 399 12.85 -29.23 -28.30
N GLU A 400 11.98 -30.02 -28.94
CA GLU A 400 11.49 -31.25 -28.32
C GLU A 400 12.61 -32.28 -28.20
N THR A 401 12.69 -32.94 -27.04
CA THR A 401 13.61 -34.07 -26.82
C THR A 401 12.84 -35.39 -26.67
N GLN A 402 11.59 -35.31 -26.22
CA GLN A 402 10.74 -36.50 -26.15
C GLN A 402 9.27 -36.19 -26.41
N ALA A 403 8.67 -36.94 -27.34
CA ALA A 403 7.25 -36.82 -27.63
C ALA A 403 6.44 -37.61 -26.59
N PRO A 404 5.18 -37.21 -26.34
CA PRO A 404 4.30 -38.06 -25.54
C PRO A 404 4.11 -39.40 -26.24
N THR A 405 4.01 -40.47 -25.47
CA THR A 405 3.94 -41.82 -26.04
C THR A 405 2.78 -41.91 -27.03
N GLY A 406 3.06 -42.45 -28.21
CA GLY A 406 2.05 -42.66 -29.25
C GLY A 406 1.86 -41.50 -30.20
N TYR A 407 2.60 -40.41 -29.97
CA TYR A 407 2.52 -39.21 -30.83
C TYR A 407 3.86 -38.99 -31.54
N ALA A 408 3.77 -38.44 -32.75
CA ALA A 408 4.95 -38.22 -33.58
C ALA A 408 5.79 -37.08 -33.05
N LYS A 409 7.09 -37.15 -33.32
CA LYS A 409 7.99 -36.04 -33.03
C LYS A 409 7.54 -34.81 -33.81
N LEU A 410 7.66 -33.64 -33.17
CA LEU A 410 7.31 -32.39 -33.83
C LEU A 410 8.28 -32.14 -35.00
N SER A 411 7.76 -31.55 -36.07
CA SER A 411 8.52 -31.39 -37.31
C SER A 411 9.61 -30.32 -37.23
N GLY A 412 9.55 -29.46 -36.22
CA GLY A 412 10.57 -28.45 -36.00
C GLY A 412 10.44 -27.79 -34.65
N ASP A 413 11.30 -26.80 -34.41
CA ASP A 413 11.26 -26.02 -33.17
C ASP A 413 9.97 -25.20 -33.08
N VAL A 414 9.47 -25.03 -31.86
CA VAL A 414 8.25 -24.27 -31.62
C VAL A 414 8.62 -22.87 -31.15
N SER A 415 8.42 -21.88 -32.00
CA SER A 415 8.74 -20.50 -31.65
CA SER A 415 8.73 -20.51 -31.65
C SER A 415 7.74 -19.97 -30.61
N PHE A 416 8.23 -19.14 -29.69
CA PHE A 416 7.36 -18.43 -28.76
C PHE A 416 7.92 -17.07 -28.43
N ASN A 417 7.04 -16.16 -28.06
CA ASN A 417 7.41 -14.80 -27.73
C ASN A 417 7.19 -14.50 -26.26
N VAL A 418 8.14 -13.81 -25.67
CA VAL A 418 8.05 -13.34 -24.32
C VAL A 418 8.00 -11.81 -24.32
N ASN A 419 7.05 -11.25 -23.58
CA ASN A 419 6.88 -9.80 -23.49
C ASN A 419 6.22 -9.44 -22.15
N ALA A 420 5.90 -8.15 -21.97
CA ALA A 420 5.48 -7.65 -20.66
C ALA A 420 4.25 -8.33 -20.05
N THR A 421 3.36 -8.86 -20.89
CA THR A 421 2.17 -9.56 -20.40
C THR A 421 1.99 -10.96 -21.01
N SER A 422 3.07 -11.55 -21.53
CA SER A 422 2.95 -12.85 -22.19
C SER A 422 2.55 -13.95 -21.20
N TYR A 423 2.99 -13.83 -19.95
CA TYR A 423 2.67 -14.83 -18.94
C TYR A 423 1.23 -14.69 -18.41
N SER A 424 0.83 -13.47 -18.09
CA SER A 424 -0.46 -13.22 -17.44
C SER A 424 -1.64 -13.17 -18.43
N LYS A 425 -1.42 -12.54 -19.58
CA LYS A 425 -2.47 -12.38 -20.59
C LYS A 425 -2.28 -13.29 -21.80
N GLY A 426 -1.03 -13.48 -22.21
CA GLY A 426 -0.71 -14.34 -23.34
C GLY A 426 -0.93 -13.68 -24.68
N SER A 427 -1.24 -14.50 -25.69
CA SER A 427 -1.33 -14.06 -27.07
C SER A 427 -2.68 -14.48 -27.67
N ALA A 428 -3.02 -13.90 -28.83
CA ALA A 428 -4.35 -14.06 -29.43
C ALA A 428 -4.83 -15.50 -29.60
N GLN A 429 -3.97 -16.38 -30.07
CA GLN A 429 -4.35 -17.75 -30.40
C GLN A 429 -4.24 -18.74 -29.23
N ASP A 430 -4.05 -18.25 -28.01
CA ASP A 430 -3.85 -19.11 -26.85
C ASP A 430 -5.09 -19.92 -26.44
N ILE A 431 -4.85 -20.98 -25.69
CA ILE A 431 -5.91 -21.74 -25.02
C ILE A 431 -5.72 -21.61 -23.50
N GLU A 432 -6.60 -22.25 -22.72
CA GLU A 432 -6.56 -22.12 -21.27
C GLU A 432 -5.46 -23.00 -20.68
N TYR A 433 -4.66 -22.43 -19.78
CA TYR A 433 -3.66 -23.20 -19.03
C TYR A 433 -4.35 -24.20 -18.10
N THR A 434 -5.44 -23.75 -17.48
CA THR A 434 -6.28 -24.61 -16.66
C THR A 434 -7.69 -24.64 -17.27
N GLN A 435 -8.16 -25.83 -17.65
CA GLN A 435 -9.49 -25.98 -18.28
C GLN A 435 -10.58 -25.33 -17.46
N GLY A 436 -11.48 -24.62 -18.15
CA GLY A 436 -12.66 -24.00 -17.52
C GLY A 436 -12.36 -22.74 -16.73
N SER A 437 -11.15 -22.20 -16.86
CA SER A 437 -10.78 -20.98 -16.15
C SER A 437 -11.35 -19.73 -16.82
N LYS A 438 -11.61 -19.83 -18.12
CA LYS A 438 -11.98 -18.67 -18.96
C LYS A 438 -10.85 -17.64 -19.04
N THR A 439 -9.62 -18.09 -18.82
CA THR A 439 -8.42 -17.27 -19.05
C THR A 439 -7.57 -18.04 -20.05
N LYS A 440 -7.53 -17.54 -21.28
CA LYS A 440 -6.75 -18.16 -22.34
C LYS A 440 -5.35 -17.56 -22.31
N ASP A 441 -4.47 -18.18 -21.53
CA ASP A 441 -3.15 -17.61 -21.27
C ASP A 441 -1.99 -18.56 -21.56
N ALA A 442 -2.26 -19.61 -22.34
CA ALA A 442 -1.24 -20.62 -22.64
C ALA A 442 -1.17 -20.93 -24.13
N GLN A 443 0.06 -21.00 -24.65
CA GLN A 443 0.29 -21.35 -26.03
C GLN A 443 0.02 -22.85 -26.25
N GLN A 444 -0.86 -23.15 -27.19
CA GLN A 444 -1.17 -24.54 -27.52
C GLN A 444 -0.05 -25.14 -28.37
N VAL A 445 0.41 -26.32 -27.97
CA VAL A 445 1.42 -27.06 -28.73
C VAL A 445 0.79 -28.36 -29.22
N ILE A 446 0.47 -28.41 -30.51
CA ILE A 446 -0.30 -29.52 -31.08
C ILE A 446 0.55 -30.74 -31.40
N ASN A 447 0.07 -31.90 -30.94
CA ASN A 447 0.67 -33.20 -31.28
C ASN A 447 -0.24 -33.99 -32.21
N LYS A 448 0.38 -34.75 -33.12
CA LYS A 448 -0.33 -35.66 -34.03
C LYS A 448 0.07 -37.11 -33.73
N LYS A 449 -0.89 -38.04 -33.80
CA LYS A 449 -0.59 -39.45 -33.53
C LYS A 449 0.35 -40.06 -34.58
N VAL A 450 1.16 -41.02 -34.14
CA VAL A 450 2.05 -41.75 -35.05
C VAL A 450 1.23 -42.57 -36.05
N THR A 451 1.66 -42.55 -37.31
CA THR A 451 0.94 -43.24 -38.38
C THR A 451 1.38 -44.70 -38.48
N ASN B 1 -23.30 -28.50 12.13
CA ASN B 1 -22.28 -27.61 11.50
C ASN B 1 -22.45 -27.53 9.98
N THR B 2 -21.71 -26.64 9.35
CA THR B 2 -21.89 -26.30 7.94
C THR B 2 -20.57 -26.11 7.20
N GLU B 3 -20.51 -26.61 5.97
CA GLU B 3 -19.37 -26.42 5.07
C GLU B 3 -19.70 -25.54 3.86
N THR B 4 -20.99 -25.31 3.63
CA THR B 4 -21.43 -24.40 2.55
C THR B 4 -20.87 -23.02 2.81
N LYS B 5 -20.68 -22.24 1.74
CA LYS B 5 -20.17 -20.88 1.83
C LYS B 5 -21.31 -19.92 1.52
N PRO B 6 -21.43 -18.85 2.32
CA PRO B 6 -22.38 -17.82 1.92
C PRO B 6 -21.88 -17.06 0.70
N GLN B 7 -22.79 -16.40 0.00
CA GLN B 7 -22.43 -15.47 -1.03
C GLN B 7 -22.77 -14.07 -0.53
N VAL B 8 -21.90 -13.11 -0.85
CA VAL B 8 -22.08 -11.75 -0.38
C VAL B 8 -21.77 -10.74 -1.48
N ASP B 9 -22.58 -9.69 -1.57
CA ASP B 9 -22.26 -8.59 -2.47
C ASP B 9 -22.72 -7.28 -1.87
N LYS B 10 -22.06 -6.21 -2.31
CA LYS B 10 -22.39 -4.85 -1.88
C LYS B 10 -22.32 -3.94 -3.09
N ASN B 11 -23.26 -3.00 -3.16
CA ASN B 11 -23.22 -1.95 -4.15
C ASN B 11 -24.11 -0.81 -3.66
N PHE B 12 -24.21 0.26 -4.44
CA PHE B 12 -25.24 1.25 -4.17
C PHE B 12 -26.61 0.60 -4.31
N ALA B 13 -27.57 1.10 -3.54
CA ALA B 13 -28.93 0.54 -3.52
C ALA B 13 -29.58 0.48 -4.91
N ASP B 14 -29.24 1.42 -5.78
CA ASP B 14 -29.81 1.48 -7.12
C ASP B 14 -29.13 0.56 -8.14
N LYS B 15 -28.13 -0.21 -7.69
CA LYS B 15 -27.42 -1.14 -8.56
C LYS B 15 -27.68 -2.58 -8.10
N GLU B 16 -28.06 -3.45 -9.03
CA GLU B 16 -28.38 -4.85 -8.68
C GLU B 16 -27.16 -5.57 -8.13
N LEU B 17 -27.38 -6.38 -7.09
CA LEU B 17 -26.34 -7.26 -6.57
C LEU B 17 -26.01 -8.36 -7.58
N ASP B 18 -24.77 -8.83 -7.53
CA ASP B 18 -24.27 -9.86 -8.44
C ASP B 18 -23.38 -10.80 -7.62
N TYR B 19 -23.99 -11.81 -7.03
CA TYR B 19 -23.28 -12.74 -6.17
C TYR B 19 -22.19 -13.51 -6.92
N ALA B 20 -22.44 -13.81 -8.19
CA ALA B 20 -21.51 -14.60 -9.02
C ALA B 20 -20.28 -13.80 -9.44
N ASN B 21 -20.38 -12.48 -9.43
CA ASN B 21 -19.28 -11.59 -9.81
CA ASN B 21 -19.28 -11.59 -9.82
C ASN B 21 -19.11 -10.50 -8.76
N ASN B 22 -18.94 -10.92 -7.51
CA ASN B 22 -18.95 -9.97 -6.37
C ASN B 22 -17.69 -9.11 -6.18
N LYS B 23 -16.68 -9.29 -7.04
CA LYS B 23 -15.46 -8.48 -6.99
C LYS B 23 -15.24 -7.68 -8.28
N LYS B 24 -16.30 -7.54 -9.08
CA LYS B 24 -16.21 -6.76 -10.32
C LYS B 24 -15.99 -5.29 -10.00
N ASP B 25 -15.42 -4.55 -10.95
CA ASP B 25 -15.28 -3.11 -10.79
C ASP B 25 -16.65 -2.47 -10.80
N LYS B 26 -16.96 -1.71 -9.75
CA LYS B 26 -18.26 -1.08 -9.61
C LYS B 26 -18.22 0.43 -9.85
N GLY B 27 -17.10 0.89 -10.40
CA GLY B 27 -16.98 2.25 -10.93
C GLY B 27 -16.79 3.33 -9.88
N THR B 28 -16.67 4.55 -10.38
CA THR B 28 -16.53 5.75 -9.57
C THR B 28 -17.67 6.69 -9.94
N VAL B 29 -18.38 7.19 -8.93
CA VAL B 29 -19.44 8.15 -9.16
C VAL B 29 -19.09 9.48 -8.50
N SER B 30 -19.42 10.58 -9.18
CA SER B 30 -19.19 11.93 -8.69
CA SER B 30 -19.17 11.91 -8.68
C SER B 30 -20.28 12.31 -7.71
N ALA B 31 -19.92 13.08 -6.69
CA ALA B 31 -20.86 13.58 -5.71
C ALA B 31 -20.41 14.93 -5.18
N SER B 32 -21.32 15.66 -4.56
CA SER B 32 -20.99 16.88 -3.84
C SER B 32 -20.92 16.56 -2.35
N VAL B 33 -20.05 17.24 -1.63
CA VAL B 33 -19.99 17.10 -0.18
C VAL B 33 -21.36 17.44 0.41
N GLY B 34 -21.85 16.58 1.30
CA GLY B 34 -23.21 16.66 1.82
C GLY B 34 -24.16 15.64 1.22
N ASP B 35 -23.81 15.09 0.05
CA ASP B 35 -24.63 14.07 -0.60
C ASP B 35 -24.65 12.77 0.19
N VAL B 36 -25.80 12.12 0.17
CA VAL B 36 -25.97 10.83 0.82
C VAL B 36 -25.94 9.73 -0.24
N LYS B 37 -25.16 8.69 0.03
CA LYS B 37 -25.10 7.51 -0.81
C LYS B 37 -25.73 6.34 -0.09
N LYS B 38 -26.70 5.71 -0.73
CA LYS B 38 -27.40 4.56 -0.15
C LYS B 38 -26.78 3.26 -0.62
N TYR B 39 -26.61 2.33 0.31
CA TYR B 39 -25.98 1.04 0.05
C TYR B 39 -26.90 -0.11 0.41
N HIS B 40 -26.67 -1.24 -0.25
CA HIS B 40 -27.21 -2.50 0.23
C HIS B 40 -26.15 -3.58 0.17
N VAL B 41 -26.19 -4.45 1.19
CA VAL B 41 -25.33 -5.60 1.27
C VAL B 41 -26.24 -6.82 1.34
N GLY B 42 -26.03 -7.76 0.43
CA GLY B 42 -26.81 -8.98 0.38
C GLY B 42 -25.96 -10.15 0.80
N THR B 43 -26.58 -11.11 1.49
CA THR B 43 -25.90 -12.33 1.86
C THR B 43 -26.84 -13.50 1.62
N LYS B 44 -26.44 -14.39 0.72
CA LYS B 44 -27.23 -15.58 0.41
C LYS B 44 -26.69 -16.73 1.23
N ILE B 45 -27.56 -17.36 2.00
CA ILE B 45 -27.21 -18.48 2.85
C ILE B 45 -27.91 -19.73 2.32
N LEU B 46 -27.12 -20.76 2.03
CA LEU B 46 -27.64 -21.94 1.35
C LEU B 46 -28.48 -22.79 2.29
N LYS B 47 -29.48 -23.44 1.70
CA LYS B 47 -30.34 -24.38 2.41
C LYS B 47 -29.52 -25.31 3.30
N GLY B 48 -29.94 -25.46 4.54
CA GLY B 48 -29.30 -26.40 5.46
C GLY B 48 -28.21 -25.79 6.32
N SER B 49 -27.79 -24.56 6.01
CA SER B 49 -26.73 -23.89 6.75
C SER B 49 -27.14 -23.68 8.21
N ASP B 50 -26.19 -23.88 9.12
CA ASP B 50 -26.42 -23.76 10.55
CA ASP B 50 -26.45 -23.67 10.55
C ASP B 50 -25.26 -23.00 11.21
N TYR B 51 -24.90 -21.84 10.66
CA TYR B 51 -23.76 -21.07 11.17
C TYR B 51 -24.01 -20.58 12.59
N LYS B 52 -22.94 -20.60 13.38
CA LYS B 52 -22.98 -20.08 14.75
C LYS B 52 -22.30 -18.73 14.84
N LYS B 53 -21.87 -18.20 13.70
CA LYS B 53 -21.24 -16.88 13.62
C LYS B 53 -21.60 -16.25 12.27
N LEU B 54 -22.15 -15.05 12.32
CA LEU B 54 -22.36 -14.24 11.12
C LEU B 54 -22.12 -12.78 11.50
N ILE B 55 -21.03 -12.20 10.98
CA ILE B 55 -20.56 -10.88 11.38
C ILE B 55 -20.18 -10.07 10.15
N TRP B 56 -20.84 -8.93 9.95
CA TRP B 56 -20.49 -8.01 8.88
C TRP B 56 -19.77 -6.80 9.44
N THR B 57 -18.61 -6.49 8.87
CA THR B 57 -17.85 -5.31 9.25
C THR B 57 -17.68 -4.44 8.01
N ASP B 58 -18.10 -3.18 8.11
CA ASP B 58 -17.87 -2.19 7.05
C ASP B 58 -16.96 -1.11 7.61
N SER B 59 -15.80 -0.96 6.98
CA SER B 59 -14.83 0.08 7.34
C SER B 59 -14.72 1.08 6.21
N MET B 60 -15.03 2.34 6.50
CA MET B 60 -15.12 3.38 5.48
C MET B 60 -13.94 4.33 5.55
N THR B 61 -13.65 4.99 4.43
CA THR B 61 -12.64 6.04 4.38
C THR B 61 -13.16 7.29 5.12
N LYS B 62 -12.24 8.19 5.46
CA LYS B 62 -12.55 9.31 6.39
C LYS B 62 -13.60 10.29 5.85
N GLY B 63 -13.68 10.41 4.53
CA GLY B 63 -14.64 11.32 3.89
C GLY B 63 -16.06 10.80 3.79
N LEU B 64 -16.30 9.61 4.32
CA LEU B 64 -17.66 9.06 4.42
C LEU B 64 -18.04 8.91 5.88
N THR B 65 -19.14 9.57 6.25
CA THR B 65 -19.73 9.43 7.58
C THR B 65 -20.85 8.40 7.48
N PHE B 66 -20.70 7.31 8.22
CA PHE B 66 -21.76 6.30 8.32
C PHE B 66 -22.98 6.89 9.03
N ASN B 67 -24.16 6.74 8.43
CA ASN B 67 -25.36 7.43 8.92
C ASN B 67 -26.16 6.69 10.02
N ASN B 68 -25.63 5.55 10.48
CA ASN B 68 -26.23 4.81 11.59
C ASN B 68 -27.72 4.56 11.34
N ASP B 69 -28.01 4.08 10.13
CA ASP B 69 -29.38 3.85 9.70
C ASP B 69 -29.60 2.44 9.15
N ILE B 70 -28.93 1.46 9.76
CA ILE B 70 -29.04 0.07 9.33
C ILE B 70 -30.46 -0.47 9.49
N ALA B 71 -30.94 -1.16 8.45
CA ALA B 71 -32.12 -1.99 8.53
C ALA B 71 -31.76 -3.36 7.98
N VAL B 72 -32.23 -4.42 8.63
CA VAL B 72 -31.92 -5.78 8.20
C VAL B 72 -33.21 -6.51 7.85
N THR B 73 -33.20 -7.24 6.74
CA THR B 73 -34.31 -8.12 6.39
C THR B 73 -33.83 -9.55 6.19
N LEU B 74 -34.72 -10.50 6.48
CA LEU B 74 -34.49 -11.91 6.23
C LEU B 74 -35.60 -12.40 5.30
N ASP B 75 -35.22 -12.79 4.08
CA ASP B 75 -36.18 -13.08 3.00
C ASP B 75 -37.27 -12.02 2.90
N GLY B 76 -36.84 -10.76 2.93
CA GLY B 76 -37.74 -9.62 2.71
C GLY B 76 -38.42 -9.08 3.94
N ALA B 77 -38.48 -9.84 5.02
CA ALA B 77 -39.17 -9.40 6.24
C ALA B 77 -38.18 -8.80 7.23
N THR B 78 -38.59 -7.75 7.92
CA THR B 78 -37.70 -7.11 8.87
C THR B 78 -37.18 -8.11 9.92
N LEU B 79 -35.87 -8.07 10.15
CA LEU B 79 -35.22 -8.75 11.28
C LEU B 79 -34.83 -7.65 12.24
N ASP B 80 -35.53 -7.56 13.37
CA ASP B 80 -35.33 -6.43 14.28
C ASP B 80 -34.07 -6.55 15.13
N ALA B 81 -33.81 -5.52 15.93
CA ALA B 81 -32.55 -5.37 16.65
C ALA B 81 -32.30 -6.41 17.75
N THR B 82 -33.31 -7.21 18.10
CA THR B 82 -33.10 -8.32 19.03
C THR B 82 -32.28 -9.43 18.39
N ASN B 83 -32.14 -9.37 17.06
CA ASN B 83 -31.44 -10.40 16.29
C ASN B 83 -29.97 -10.13 16.04
N TYR B 84 -29.48 -8.98 16.49
CA TYR B 84 -28.07 -8.64 16.30
C TYR B 84 -27.57 -7.63 17.29
N LYS B 85 -26.24 -7.61 17.45
CA LYS B 85 -25.55 -6.61 18.24
CA LYS B 85 -25.58 -6.59 18.23
C LYS B 85 -24.81 -5.69 17.26
N LEU B 86 -24.98 -4.39 17.41
CA LEU B 86 -24.37 -3.43 16.50
C LEU B 86 -23.39 -2.54 17.26
N VAL B 87 -22.14 -2.49 16.79
CA VAL B 87 -21.16 -1.51 17.26
C VAL B 87 -20.88 -0.55 16.12
N ALA B 88 -21.38 0.68 16.26
CA ALA B 88 -21.30 1.68 15.20
C ALA B 88 -20.37 2.80 15.59
N ASP B 89 -19.66 3.33 14.59
CA ASP B 89 -18.89 4.55 14.78
C ASP B 89 -19.06 5.41 13.51
N ASP B 90 -18.46 6.59 13.49
CA ASP B 90 -18.69 7.51 12.36
C ASP B 90 -18.15 7.00 11.03
N GLN B 91 -17.21 6.06 11.07
CA GLN B 91 -16.60 5.54 9.84
C GLN B 91 -16.86 4.06 9.60
N GLY B 92 -17.91 3.53 10.22
CA GLY B 92 -18.37 2.20 9.88
C GLY B 92 -19.02 1.48 11.03
N PHE B 93 -19.12 0.15 10.91
CA PHE B 93 -19.84 -0.63 11.89
C PHE B 93 -19.42 -2.09 11.89
N ARG B 94 -19.83 -2.77 12.95
CA ARG B 94 -19.67 -4.21 13.08
C ARG B 94 -21.02 -4.74 13.56
N LEU B 95 -21.63 -5.59 12.75
CA LEU B 95 -22.94 -6.14 13.04
C LEU B 95 -22.81 -7.66 13.24
N VAL B 96 -23.15 -8.11 14.45
CA VAL B 96 -22.99 -9.50 14.87
C VAL B 96 -24.35 -10.10 15.18
N LEU B 97 -24.75 -11.16 14.47
CA LEU B 97 -26.02 -11.80 14.79
C LEU B 97 -25.94 -12.38 16.20
N THR B 98 -26.99 -12.15 16.96
CA THR B 98 -27.16 -12.78 18.27
C THR B 98 -27.55 -14.24 18.07
N ASP B 99 -27.57 -15.00 19.16
CA ASP B 99 -27.99 -16.39 19.07
C ASP B 99 -29.42 -16.47 18.56
N LYS B 100 -30.26 -15.50 18.92
CA LYS B 100 -31.64 -15.42 18.40
C LYS B 100 -31.65 -15.24 16.88
N GLY B 101 -30.83 -14.32 16.39
CA GLY B 101 -30.74 -14.07 14.94
C GLY B 101 -30.18 -15.27 14.19
N LEU B 102 -29.15 -15.90 14.75
CA LEU B 102 -28.54 -17.06 14.12
C LEU B 102 -29.55 -18.20 14.01
N GLU B 103 -30.33 -18.39 15.08
CA GLU B 103 -31.36 -19.43 15.07
CA GLU B 103 -31.36 -19.43 15.08
C GLU B 103 -32.45 -19.13 14.05
N ALA B 104 -32.82 -17.85 13.91
CA ALA B 104 -33.83 -17.46 12.94
C ALA B 104 -33.35 -17.74 11.51
N VAL B 105 -32.09 -17.44 11.25
CA VAL B 105 -31.49 -17.71 9.93
C VAL B 105 -31.44 -19.21 9.63
N ALA B 106 -31.01 -20.01 10.61
CA ALA B 106 -30.88 -21.46 10.43
C ALA B 106 -32.25 -22.10 10.20
N LYS B 107 -33.26 -21.64 10.94
CA LYS B 107 -34.64 -22.13 10.79
C LYS B 107 -35.21 -21.81 9.41
N ALA B 108 -35.01 -20.57 8.96
CA ALA B 108 -35.45 -20.16 7.62
C ALA B 108 -34.76 -21.02 6.56
N ALA B 109 -33.47 -21.30 6.79
CA ALA B 109 -32.63 -22.02 5.83
C ALA B 109 -32.85 -23.54 5.80
N LYS B 110 -33.65 -24.07 6.72
CA LYS B 110 -33.91 -25.51 6.72
C LYS B 110 -34.53 -25.98 5.41
N THR B 111 -35.43 -25.15 4.86
CA THR B 111 -36.24 -25.57 3.72
C THR B 111 -35.85 -24.94 2.38
N LYS B 112 -35.00 -23.91 2.41
CA LYS B 112 -34.59 -23.22 1.18
C LYS B 112 -33.37 -22.34 1.40
N ASP B 113 -32.77 -21.86 0.31
CA ASP B 113 -31.77 -20.80 0.40
C ASP B 113 -32.47 -19.54 0.91
N VAL B 114 -31.79 -18.77 1.74
CA VAL B 114 -32.36 -17.54 2.28
C VAL B 114 -31.45 -16.36 1.97
N GLU B 115 -32.03 -15.16 1.94
CA GLU B 115 -31.27 -13.95 1.69
C GLU B 115 -31.43 -12.96 2.84
N ILE B 116 -30.29 -12.52 3.37
CA ILE B 116 -30.24 -11.41 4.31
C ILE B 116 -29.88 -10.15 3.53
N LYS B 117 -30.63 -9.06 3.74
CA LYS B 117 -30.26 -7.77 3.16
C LYS B 117 -30.03 -6.78 4.29
N ILE B 118 -28.92 -6.06 4.19
CA ILE B 118 -28.58 -4.98 5.11
C ILE B 118 -28.54 -3.71 4.30
N THR B 119 -29.35 -2.72 4.68
CA THR B 119 -29.37 -1.43 4.01
C THR B 119 -28.93 -0.35 4.96
N TYR B 120 -28.23 0.64 4.43
CA TYR B 120 -27.74 1.79 5.21
C TYR B 120 -27.18 2.81 4.25
N SER B 121 -26.78 3.95 4.77
CA SER B 121 -26.23 5.02 3.95
C SER B 121 -25.03 5.70 4.60
N ALA B 122 -24.32 6.47 3.78
CA ALA B 122 -23.22 7.29 4.26
C ALA B 122 -23.31 8.68 3.62
N THR B 123 -22.76 9.66 4.32
CA THR B 123 -22.75 11.05 3.85
C THR B 123 -21.33 11.41 3.45
N LEU B 124 -21.15 11.97 2.25
CA LEU B 124 -19.83 12.44 1.83
C LEU B 124 -19.58 13.70 2.63
N ASN B 125 -18.52 13.71 3.43
CA ASN B 125 -18.27 14.83 4.33
C ASN B 125 -17.11 15.73 3.87
N GLY B 126 -16.95 16.86 4.55
CA GLY B 126 -15.98 17.88 4.20
C GLY B 126 -14.51 17.51 4.36
N SER B 127 -14.23 16.33 4.94
CA SER B 127 -12.85 15.86 5.03
CA SER B 127 -12.87 15.79 5.05
C SER B 127 -12.41 15.15 3.74
N ALA B 128 -13.36 14.92 2.84
CA ALA B 128 -13.04 14.38 1.51
C ALA B 128 -12.05 15.30 0.79
N VAL B 129 -11.12 14.69 0.07
CA VAL B 129 -10.10 15.41 -0.66
C VAL B 129 -10.42 15.37 -2.16
N VAL B 130 -10.35 16.53 -2.79
CA VAL B 130 -10.70 16.65 -4.22
C VAL B 130 -9.94 15.62 -5.08
N GLU B 131 -10.70 14.90 -5.92
CA GLU B 131 -10.16 13.89 -6.85
C GLU B 131 -9.56 12.61 -6.21
N VAL B 132 -9.72 12.47 -4.89
CA VAL B 132 -9.26 11.28 -4.18
C VAL B 132 -10.47 10.42 -3.82
N LEU B 133 -10.40 9.14 -4.20
CA LEU B 133 -11.52 8.24 -4.05
C LEU B 133 -11.84 7.94 -2.59
N GLU B 134 -13.13 7.89 -2.30
CA GLU B 134 -13.68 7.46 -1.03
C GLU B 134 -14.40 6.14 -1.24
N THR B 135 -14.45 5.31 -0.21
CA THR B 135 -15.10 4.01 -0.35
C THR B 135 -15.46 3.37 0.98
N ASN B 136 -16.57 2.65 0.99
CA ASN B 136 -16.84 1.71 2.06
C ASN B 136 -16.10 0.40 1.77
N ASP B 137 -16.13 -0.48 2.76
CA ASP B 137 -15.53 -1.80 2.66
C ASP B 137 -16.24 -2.75 3.61
N VAL B 138 -17.10 -3.59 3.07
CA VAL B 138 -17.75 -4.63 3.88
C VAL B 138 -17.08 -6.00 3.69
N LYS B 139 -17.07 -6.78 4.76
CA LYS B 139 -16.60 -8.18 4.73
C LYS B 139 -17.52 -8.98 5.64
N LEU B 140 -17.69 -10.26 5.34
CA LEU B 140 -18.47 -11.17 6.19
C LEU B 140 -17.58 -12.24 6.81
N ASP B 141 -17.57 -12.28 8.13
CA ASP B 141 -16.98 -13.40 8.86
C ASP B 141 -18.11 -14.37 9.17
N TYR B 142 -17.87 -15.65 8.96
CA TYR B 142 -18.89 -16.66 9.22
C TYR B 142 -18.22 -17.96 9.65
N GLY B 143 -18.97 -18.83 10.31
CA GLY B 143 -18.41 -20.11 10.72
C GLY B 143 -19.24 -20.89 11.70
N ASN B 144 -18.62 -21.92 12.25
CA ASN B 144 -19.28 -22.86 13.15
C ASN B 144 -19.02 -22.58 14.65
N ASN B 145 -18.10 -21.65 14.95
CA ASN B 145 -17.75 -21.32 16.34
C ASN B 145 -18.30 -19.95 16.73
N PRO B 146 -19.09 -19.90 17.81
CA PRO B 146 -19.61 -18.58 18.23
C PRO B 146 -18.48 -17.62 18.61
N THR B 147 -18.65 -16.33 18.30
CA THR B 147 -17.68 -15.33 18.69
C THR B 147 -17.64 -15.15 20.22
N ILE B 148 -16.44 -14.93 20.76
CA ILE B 148 -16.29 -14.65 22.18
C ILE B 148 -16.01 -13.17 22.41
N GLU B 149 -16.14 -12.35 21.36
CA GLU B 149 -15.92 -10.92 21.48
C GLU B 149 -16.88 -10.29 22.47
N ASN B 150 -16.44 -9.17 23.04
CA ASN B 150 -17.20 -8.47 24.07
C ASN B 150 -17.37 -6.99 23.71
N GLU B 151 -17.93 -6.21 24.63
CA GLU B 151 -18.23 -4.81 24.38
C GLU B 151 -16.98 -3.95 24.49
N PRO B 152 -16.82 -2.96 23.59
CA PRO B 152 -15.73 -2.00 23.78
C PRO B 152 -15.77 -1.37 25.15
N LYS B 153 -14.59 -1.16 25.73
CA LYS B 153 -14.46 -0.62 27.07
C LYS B 153 -14.21 0.88 27.02
N GLU B 154 -14.71 1.56 28.05
CA GLU B 154 -14.55 3.01 28.15
CA GLU B 154 -14.62 3.02 28.19
C GLU B 154 -13.62 3.36 29.29
N GLY B 155 -13.06 4.56 29.22
CA GLY B 155 -12.14 5.02 30.25
C GLY B 155 -11.66 6.42 30.01
N ILE B 156 -10.75 6.87 30.88
CA ILE B 156 -10.21 8.23 30.76
C ILE B 156 -8.74 8.20 30.38
N PRO B 157 -8.25 9.30 29.80
CA PRO B 157 -6.82 9.39 29.54
C PRO B 157 -6.01 9.53 30.82
N VAL B 158 -4.72 9.26 30.71
CA VAL B 158 -3.75 9.59 31.76
C VAL B 158 -2.67 10.43 31.06
N ASP B 159 -2.31 11.56 31.67
CA ASP B 159 -1.33 12.48 31.07
C ASP B 159 -1.74 12.83 29.62
N LYS B 160 -3.04 13.02 29.41
CA LYS B 160 -3.61 13.41 28.11
C LYS B 160 -3.41 12.37 27.00
N LYS B 161 -3.22 11.11 27.38
CA LYS B 161 -2.93 10.04 26.42
CA LYS B 161 -2.95 10.05 26.41
C LYS B 161 -3.74 8.78 26.71
N ILE B 162 -4.08 8.05 25.64
CA ILE B 162 -4.63 6.70 25.76
C ILE B 162 -3.83 5.82 24.81
N THR B 163 -3.31 4.71 25.32
CA THR B 163 -2.49 3.81 24.52
C THR B 163 -3.21 2.50 24.31
N VAL B 164 -3.21 2.03 23.08
CA VAL B 164 -3.69 0.69 22.75
C VAL B 164 -2.52 -0.28 22.79
N ASN B 165 -2.68 -1.37 23.55
CA ASN B 165 -1.74 -2.49 23.55
CA ASN B 165 -1.74 -2.48 23.56
C ASN B 165 -2.44 -3.67 22.91
N LYS B 166 -1.94 -4.10 21.75
CA LYS B 166 -2.60 -5.14 20.94
C LYS B 166 -1.73 -6.39 20.77
N THR B 167 -2.38 -7.56 20.89
CA THR B 167 -1.76 -8.83 20.54
C THR B 167 -2.71 -9.63 19.64
N TRP B 168 -2.16 -10.70 19.07
CA TRP B 168 -2.85 -11.55 18.10
C TRP B 168 -2.68 -12.99 18.53
N ALA B 169 -3.73 -13.79 18.44
CA ALA B 169 -3.69 -15.18 18.86
C ALA B 169 -4.46 -16.04 17.89
N VAL B 170 -3.88 -17.17 17.52
CA VAL B 170 -4.53 -18.18 16.69
C VAL B 170 -4.53 -19.47 17.46
N ASP B 171 -5.70 -20.09 17.59
CA ASP B 171 -5.88 -21.30 18.39
C ASP B 171 -5.34 -21.16 19.83
N GLY B 172 -5.46 -19.94 20.37
CA GLY B 172 -5.06 -19.65 21.74
C GLY B 172 -3.59 -19.37 21.97
N ASN B 173 -2.81 -19.30 20.89
CA ASN B 173 -1.37 -19.10 20.98
C ASN B 173 -0.99 -17.79 20.31
N GLU B 174 -0.16 -17.00 20.97
CA GLU B 174 0.20 -15.68 20.45
C GLU B 174 0.98 -15.82 19.15
N VAL B 175 0.69 -14.93 18.21
CA VAL B 175 1.45 -14.87 16.97
C VAL B 175 2.09 -13.50 16.78
N ASN B 176 3.29 -13.50 16.20
CA ASN B 176 3.97 -12.27 15.85
C ASN B 176 4.57 -12.48 14.47
N LYS B 177 3.80 -12.10 13.45
CA LYS B 177 4.16 -12.37 12.06
C LYS B 177 3.98 -11.12 11.20
N ALA B 178 5.11 -10.50 10.86
CA ALA B 178 5.14 -9.22 10.17
C ALA B 178 4.68 -9.35 8.74
N ASP B 179 4.71 -10.57 8.19
CA ASP B 179 4.31 -10.83 6.80
CA ASP B 179 4.29 -10.78 6.79
C ASP B 179 2.83 -11.23 6.69
N GLU B 180 2.15 -11.35 7.82
CA GLU B 180 0.73 -11.70 7.81
C GLU B 180 -0.11 -10.43 7.87
N THR B 181 -0.76 -10.08 6.77
CA THR B 181 -1.53 -8.85 6.72
CA THR B 181 -1.56 -8.86 6.69
C THR B 181 -2.84 -8.97 7.52
N VAL B 182 -3.21 -7.86 8.14
CA VAL B 182 -4.48 -7.73 8.86
C VAL B 182 -5.10 -6.39 8.46
N ASP B 183 -6.38 -6.20 8.81
CA ASP B 183 -7.14 -5.02 8.42
C ASP B 183 -7.70 -4.25 9.62
N ALA B 184 -7.03 -4.34 10.76
CA ALA B 184 -7.56 -3.78 12.01
C ALA B 184 -7.52 -2.25 12.02
N VAL B 185 -8.66 -1.65 12.36
CA VAL B 185 -8.76 -0.21 12.54
C VAL B 185 -9.14 0.05 13.97
N PHE B 186 -8.34 0.84 14.68
CA PHE B 186 -8.66 1.25 16.04
C PHE B 186 -9.19 2.68 16.04
N THR B 187 -10.45 2.86 16.40
CA THR B 187 -11.08 4.17 16.38
C THR B 187 -11.23 4.65 17.80
N LEU B 188 -10.72 5.84 18.07
CA LEU B 188 -10.89 6.49 19.36
C LEU B 188 -12.13 7.38 19.25
N GLN B 189 -13.09 7.16 20.15
CA GLN B 189 -14.25 8.00 20.28
C GLN B 189 -14.28 8.70 21.63
N VAL B 190 -14.84 9.89 21.66
CA VAL B 190 -15.08 10.63 22.90
C VAL B 190 -16.59 10.65 23.14
N LYS B 191 -16.97 10.60 24.41
CA LYS B 191 -18.36 10.82 24.79
C LYS B 191 -18.60 12.32 24.80
N ASP B 192 -19.49 12.77 23.93
CA ASP B 192 -19.79 14.19 23.75
C ASP B 192 -21.29 14.35 23.93
N GLY B 193 -21.70 14.78 25.12
CA GLY B 193 -23.09 14.66 25.54
C GLY B 193 -23.45 13.19 25.73
N ASP B 194 -24.51 12.76 25.06
CA ASP B 194 -25.00 11.38 25.15
CA ASP B 194 -24.98 11.38 25.16
C ASP B 194 -24.51 10.51 23.99
N LYS B 195 -23.79 11.13 23.04
CA LYS B 195 -23.33 10.37 21.88
CA LYS B 195 -23.33 10.42 21.85
C LYS B 195 -21.81 10.18 21.87
N TRP B 196 -21.39 9.19 21.10
CA TRP B 196 -19.98 8.91 20.88
C TRP B 196 -19.59 9.49 19.52
N VAL B 197 -18.50 10.24 19.49
CA VAL B 197 -18.03 10.87 18.26
C VAL B 197 -16.58 10.46 17.99
N ASN B 198 -16.27 10.09 16.76
CA ASN B 198 -14.90 9.74 16.39
C ASN B 198 -13.98 10.96 16.51
N VAL B 199 -12.82 10.77 17.14
CA VAL B 199 -11.83 11.85 17.26
C VAL B 199 -10.44 11.49 16.73
N ASP B 200 -10.13 10.20 16.59
CA ASP B 200 -8.84 9.79 16.05
C ASP B 200 -8.91 8.31 15.66
N SER B 201 -7.93 7.86 14.89
CA SER B 201 -7.89 6.48 14.40
CA SER B 201 -7.87 6.45 14.50
C SER B 201 -6.44 6.03 14.18
N ALA B 202 -6.21 4.72 14.24
CA ALA B 202 -4.91 4.14 13.94
C ALA B 202 -5.15 2.77 13.31
N LYS B 203 -4.26 2.37 12.42
CA LYS B 203 -4.36 1.07 11.76
C LYS B 203 -3.21 0.15 12.12
N ALA B 204 -3.50 -1.12 12.31
CA ALA B 204 -2.48 -2.18 12.37
C ALA B 204 -2.53 -2.90 11.04
N THR B 205 -1.38 -3.16 10.44
CA THR B 205 -1.30 -3.73 9.09
C THR B 205 -0.76 -5.17 9.04
N ALA B 206 -0.21 -5.66 10.16
CA ALA B 206 0.23 -7.05 10.25
C ALA B 206 -0.06 -7.62 11.62
N ALA B 207 -0.03 -8.95 11.71
CA ALA B 207 -0.35 -9.65 12.95
C ALA B 207 0.87 -9.70 13.88
N THR B 208 1.34 -8.53 14.28
CA THR B 208 2.46 -8.38 15.20
C THR B 208 2.00 -7.62 16.45
N SER B 209 2.59 -7.94 17.60
CA SER B 209 2.34 -7.18 18.83
C SER B 209 2.58 -5.70 18.49
N PHE B 210 1.68 -4.85 18.98
CA PHE B 210 1.49 -3.50 18.47
C PHE B 210 1.05 -2.57 19.61
N LYS B 211 1.55 -1.34 19.59
CA LYS B 211 1.08 -0.28 20.47
C LYS B 211 0.87 0.98 19.66
N HIS B 212 -0.16 1.75 20.01
CA HIS B 212 -0.35 3.09 19.47
C HIS B 212 -0.85 4.03 20.57
N THR B 213 -0.25 5.21 20.65
CA THR B 213 -0.62 6.18 21.65
C THR B 213 -1.39 7.33 21.02
N PHE B 214 -2.63 7.51 21.46
CA PHE B 214 -3.42 8.66 21.09
C PHE B 214 -3.06 9.82 22.01
N GLU B 215 -2.74 10.97 21.44
CA GLU B 215 -2.25 12.14 22.19
C GLU B 215 -3.23 13.30 22.19
N ASN B 216 -2.95 14.30 23.02
CA ASN B 216 -3.69 15.56 23.04
C ASN B 216 -5.14 15.41 23.50
N LEU B 217 -5.37 14.46 24.41
CA LEU B 217 -6.71 14.18 24.91
C LEU B 217 -7.02 15.00 26.17
N ASP B 218 -8.28 14.95 26.58
CA ASP B 218 -8.76 15.70 27.74
C ASP B 218 -8.96 14.73 28.89
N ASN B 219 -8.13 14.87 29.92
CA ASN B 219 -8.18 13.99 31.09
C ASN B 219 -9.57 13.87 31.71
N ALA B 220 -10.39 14.92 31.59
CA ALA B 220 -11.71 14.95 32.19
C ALA B 220 -12.80 14.27 31.37
N LYS B 221 -12.49 13.92 30.12
CA LYS B 221 -13.45 13.29 29.22
C LYS B 221 -13.32 11.77 29.18
N THR B 222 -14.45 11.13 28.91
CA THR B 222 -14.53 9.68 28.77
C THR B 222 -14.40 9.31 27.30
N TYR B 223 -13.57 8.30 27.02
CA TYR B 223 -13.35 7.81 25.67
C TYR B 223 -13.56 6.30 25.60
N ARG B 224 -13.66 5.80 24.38
CA ARG B 224 -13.55 4.36 24.14
C ARG B 224 -12.81 4.10 22.84
N VAL B 225 -12.18 2.94 22.77
CA VAL B 225 -11.58 2.45 21.54
C VAL B 225 -12.44 1.32 20.98
N ILE B 226 -12.78 1.46 19.70
CA ILE B 226 -13.55 0.45 18.97
C ILE B 226 -12.69 -0.09 17.84
N GLU B 227 -12.58 -1.41 17.76
CA GLU B 227 -11.82 -2.05 16.70
C GLU B 227 -12.73 -2.61 15.63
N ARG B 228 -12.42 -2.29 14.37
CA ARG B 228 -13.01 -2.95 13.22
C ARG B 228 -11.94 -3.80 12.57
N VAL B 229 -12.27 -5.08 12.38
CA VAL B 229 -11.31 -6.07 11.92
C VAL B 229 -12.08 -7.25 11.37
N SER B 230 -11.49 -7.97 10.43
CA SER B 230 -12.06 -9.24 9.96
C SER B 230 -11.06 -10.38 10.11
N GLY B 231 -11.56 -11.61 10.05
CA GLY B 231 -10.74 -12.80 10.29
C GLY B 231 -10.55 -12.97 11.78
N TYR B 232 -9.67 -12.15 12.34
CA TYR B 232 -9.63 -12.00 13.79
C TYR B 232 -10.88 -11.30 14.29
N ALA B 233 -11.18 -11.53 15.56
CA ALA B 233 -12.25 -10.83 16.26
C ALA B 233 -11.68 -10.17 17.50
N PRO B 234 -12.19 -8.98 17.86
CA PRO B 234 -11.59 -8.27 18.99
C PRO B 234 -12.05 -8.84 20.32
N GLU B 235 -11.17 -8.76 21.32
CA GLU B 235 -11.54 -8.97 22.71
C GLU B 235 -10.97 -7.80 23.49
N TYR B 236 -11.85 -7.01 24.11
CA TYR B 236 -11.44 -5.84 24.87
C TYR B 236 -11.15 -6.32 26.30
N VAL B 237 -9.87 -6.44 26.60
CA VAL B 237 -9.44 -7.10 27.80
C VAL B 237 -9.57 -6.21 29.02
N SER B 238 -9.08 -4.98 28.92
CA SER B 238 -9.11 -4.03 30.02
C SER B 238 -8.85 -2.61 29.55
N PHE B 239 -9.25 -1.65 30.39
CA PHE B 239 -8.96 -0.23 30.18
C PHE B 239 -8.57 0.30 31.57
N VAL B 240 -7.27 0.40 31.81
CA VAL B 240 -6.72 0.75 33.13
C VAL B 240 -5.55 1.71 32.97
N ASN B 241 -5.53 2.76 33.80
CA ASN B 241 -4.43 3.74 33.81
C ASN B 241 -4.02 4.19 32.40
N GLY B 242 -5.02 4.50 31.58
CA GLY B 242 -4.79 5.07 30.24
C GLY B 242 -4.32 4.08 29.18
N VAL B 243 -4.47 2.78 29.46
CA VAL B 243 -4.06 1.72 28.55
C VAL B 243 -5.25 0.82 28.24
N VAL B 244 -5.57 0.69 26.96
CA VAL B 244 -6.61 -0.23 26.51
C VAL B 244 -5.93 -1.46 25.93
N THR B 245 -6.09 -2.60 26.61
CA THR B 245 -5.51 -3.86 26.16
C THR B 245 -6.53 -4.63 25.34
N ILE B 246 -6.14 -5.00 24.12
CA ILE B 246 -7.01 -5.72 23.21
C ILE B 246 -6.29 -6.95 22.69
N LYS B 247 -7.00 -8.08 22.66
CA LYS B 247 -6.48 -9.30 22.06
C LYS B 247 -7.31 -9.65 20.83
N ASN B 248 -6.65 -10.05 19.76
CA ASN B 248 -7.33 -10.46 18.54
C ASN B 248 -7.32 -11.97 18.48
N ASN B 249 -8.51 -12.57 18.38
CA ASN B 249 -8.66 -14.02 18.47
C ASN B 249 -9.12 -14.62 17.14
N LYS B 250 -8.55 -15.78 16.79
CA LYS B 250 -8.95 -16.51 15.57
C LYS B 250 -8.76 -18.01 15.76
N ASP B 251 -9.67 -18.80 15.18
CA ASP B 251 -9.51 -20.24 15.07
C ASP B 251 -8.99 -20.55 13.67
N SER B 252 -7.93 -21.34 13.58
CA SER B 252 -7.32 -21.64 12.28
C SER B 252 -8.23 -22.45 11.35
N ASN B 253 -9.17 -23.19 11.92
CA ASN B 253 -10.05 -24.06 11.13
C ASN B 253 -11.32 -23.38 10.61
N GLU B 254 -11.53 -22.13 11.00
CA GLU B 254 -12.73 -21.40 10.59
C GLU B 254 -12.52 -20.74 9.23
N PRO B 255 -13.62 -20.44 8.51
CA PRO B 255 -13.52 -19.88 7.17
C PRO B 255 -12.88 -18.49 7.11
N THR B 256 -12.24 -18.21 5.98
CA THR B 256 -11.75 -16.87 5.69
C THR B 256 -12.95 -15.99 5.31
N PRO B 257 -12.88 -14.68 5.62
CA PRO B 257 -14.03 -13.83 5.33
C PRO B 257 -14.36 -13.67 3.85
N ILE B 258 -15.64 -13.46 3.56
CA ILE B 258 -16.10 -13.14 2.20
C ILE B 258 -15.96 -11.63 2.02
N ASN B 259 -15.34 -11.21 0.92
CA ASN B 259 -14.97 -9.82 0.76
C ASN B 259 -15.31 -9.29 -0.64
N PRO B 260 -16.53 -8.78 -0.81
CA PRO B 260 -16.92 -8.28 -2.13
C PRO B 260 -16.23 -6.95 -2.42
N SER B 261 -16.22 -6.54 -3.68
CA SER B 261 -15.74 -5.21 -4.05
C SER B 261 -16.80 -4.17 -3.72
N GLU B 262 -16.42 -2.90 -3.85
CA GLU B 262 -17.30 -1.78 -3.57
C GLU B 262 -17.17 -0.68 -4.63
N PRO B 263 -18.25 0.09 -4.84
CA PRO B 263 -18.17 1.26 -5.71
C PRO B 263 -17.43 2.40 -5.02
N LYS B 264 -16.86 3.30 -5.82
CA LYS B 264 -16.10 4.43 -5.30
C LYS B 264 -16.86 5.74 -5.49
N VAL B 265 -16.54 6.71 -4.62
CA VAL B 265 -17.16 8.03 -4.64
C VAL B 265 -16.05 9.08 -4.70
N VAL B 266 -16.28 10.13 -5.48
CA VAL B 266 -15.29 11.18 -5.68
C VAL B 266 -15.96 12.53 -5.77
N THR B 267 -15.21 13.59 -5.47
CA THR B 267 -15.71 14.95 -5.61
C THR B 267 -14.64 15.82 -6.24
N TYR B 268 -15.08 16.91 -6.87
CA TYR B 268 -14.24 17.69 -7.76
C TYR B 268 -14.17 19.15 -7.33
N GLY B 269 -13.39 19.95 -8.06
CA GLY B 269 -13.27 21.37 -7.75
C GLY B 269 -12.67 22.22 -8.84
N ARG B 270 -12.44 23.48 -8.51
CA ARG B 270 -11.90 24.45 -9.47
C ARG B 270 -11.08 25.51 -8.75
N LYS B 271 -9.98 25.90 -9.36
CA LYS B 271 -9.12 26.95 -8.85
C LYS B 271 -9.22 28.20 -9.70
N PHE B 272 -9.12 29.37 -9.06
CA PHE B 272 -9.24 30.67 -9.72
C PHE B 272 -8.11 31.61 -9.32
N VAL B 273 -7.77 32.52 -10.22
CA VAL B 273 -6.85 33.61 -9.90
C VAL B 273 -7.43 34.92 -10.40
N LYS B 274 -7.64 35.86 -9.48
CA LYS B 274 -8.13 37.19 -9.81
C LYS B 274 -6.96 38.07 -10.24
N THR B 275 -7.10 38.75 -11.37
CA THR B 275 -6.06 39.64 -11.87
C THR B 275 -6.64 40.95 -12.37
N ASN B 276 -5.75 41.88 -12.67
CA ASN B 276 -6.11 43.09 -13.42
C ASN B 276 -6.24 42.73 -14.90
N LYS B 277 -6.38 43.73 -15.76
CA LYS B 277 -6.69 43.46 -17.17
C LYS B 277 -5.56 42.78 -17.94
N ASP B 278 -4.33 43.28 -17.80
CA ASP B 278 -3.19 42.70 -18.52
C ASP B 278 -2.65 41.43 -17.85
N GLY B 279 -3.11 41.14 -16.62
CA GLY B 279 -2.76 39.91 -15.92
C GLY B 279 -1.45 39.97 -15.15
N LYS B 280 -0.86 41.16 -15.04
CA LYS B 280 0.44 41.31 -14.37
C LYS B 280 0.33 41.61 -12.88
N GLU B 281 -0.88 41.96 -12.43
CA GLU B 281 -1.16 42.11 -11.01
C GLU B 281 -2.24 41.13 -10.61
N ARG B 282 -2.00 40.41 -9.51
CA ARG B 282 -2.99 39.51 -8.93
C ARG B 282 -3.56 40.21 -7.70
N LEU B 283 -4.87 40.15 -7.54
CA LEU B 283 -5.59 41.06 -6.65
C LEU B 283 -6.28 40.40 -5.46
N ALA B 284 -6.12 41.01 -4.29
CA ALA B 284 -6.74 40.54 -3.06
C ALA B 284 -8.11 41.18 -2.84
N GLY B 285 -8.99 40.45 -2.16
CA GLY B 285 -10.26 41.01 -1.68
C GLY B 285 -11.49 40.78 -2.54
N ALA B 286 -11.30 40.27 -3.75
CA ALA B 286 -12.42 39.94 -4.62
C ALA B 286 -13.24 38.84 -3.96
N THR B 287 -14.52 39.10 -3.71
CA THR B 287 -15.34 38.19 -2.91
C THR B 287 -16.50 37.65 -3.72
N PHE B 288 -16.72 36.33 -3.66
CA PHE B 288 -17.67 35.65 -4.54
C PHE B 288 -18.55 34.65 -3.83
N LEU B 289 -19.83 34.64 -4.19
CA LEU B 289 -20.74 33.54 -3.90
C LEU B 289 -20.59 32.47 -4.98
N VAL B 290 -20.98 31.24 -4.66
CA VAL B 290 -21.03 30.14 -5.63
C VAL B 290 -22.49 29.78 -5.87
N LYS B 291 -22.86 29.69 -7.15
CA LYS B 291 -24.25 29.55 -7.57
CA LYS B 291 -24.25 29.57 -7.56
C LYS B 291 -24.47 28.37 -8.49
N LYS B 292 -25.60 27.68 -8.30
CA LYS B 292 -26.03 26.57 -9.14
C LYS B 292 -27.53 26.70 -9.35
N ASP B 293 -27.95 26.92 -10.59
CA ASP B 293 -29.36 27.08 -10.94
C ASP B 293 -30.08 28.06 -10.01
N GLY B 294 -29.48 29.23 -9.82
CA GLY B 294 -30.06 30.31 -9.05
C GLY B 294 -29.97 30.21 -7.53
N LYS B 295 -29.44 29.08 -7.03
CA LYS B 295 -29.31 28.85 -5.61
C LYS B 295 -27.87 29.01 -5.18
N TYR B 296 -27.68 29.30 -3.89
CA TYR B 296 -26.38 29.68 -3.36
C TYR B 296 -25.81 28.62 -2.45
N LEU B 297 -24.53 28.33 -2.64
CA LEU B 297 -23.82 27.32 -1.85
C LEU B 297 -23.63 27.79 -0.41
N ALA B 298 -23.90 26.88 0.53
CA ALA B 298 -23.76 27.16 1.96
C ALA B 298 -23.22 25.92 2.65
N ARG B 299 -22.72 26.09 3.87
CA ARG B 299 -22.14 24.96 4.61
C ARG B 299 -22.81 24.78 5.96
N LYS B 300 -22.89 23.52 6.41
CA LYS B 300 -23.29 23.24 7.77
C LYS B 300 -22.37 22.17 8.34
N SER B 301 -22.22 22.17 9.65
CA SER B 301 -21.40 21.14 10.29
CA SER B 301 -21.41 21.14 10.30
C SER B 301 -22.02 19.76 10.05
N GLY B 302 -21.15 18.75 10.00
CA GLY B 302 -21.56 17.37 9.91
C GLY B 302 -21.44 16.73 11.28
N VAL B 303 -21.10 15.45 11.31
CA VAL B 303 -20.90 14.78 12.58
C VAL B 303 -19.53 15.19 13.09
N ALA B 304 -19.53 15.87 14.23
CA ALA B 304 -18.30 16.39 14.81
C ALA B 304 -18.51 16.67 16.28
N THR B 305 -17.41 16.90 16.98
CA THR B 305 -17.51 17.24 18.41
C THR B 305 -18.02 18.66 18.60
N ASP B 306 -18.55 18.92 19.79
CA ASP B 306 -19.00 20.26 20.15
C ASP B 306 -17.87 21.27 19.91
N ALA B 307 -16.66 20.92 20.35
CA ALA B 307 -15.53 21.84 20.20
C ALA B 307 -15.19 22.12 18.73
N GLU B 308 -15.27 21.09 17.89
CA GLU B 308 -15.08 21.26 16.46
C GLU B 308 -16.14 22.20 15.86
N LYS B 309 -17.40 21.99 16.22
CA LYS B 309 -18.47 22.87 15.75
C LYS B 309 -18.34 24.28 16.29
N ALA B 310 -17.92 24.42 17.55
CA ALA B 310 -17.74 25.75 18.15
C ALA B 310 -16.62 26.55 17.46
N ALA B 311 -15.61 25.83 16.97
CA ALA B 311 -14.49 26.48 16.27
C ALA B 311 -14.93 27.11 14.94
N VAL B 312 -15.97 26.54 14.33
CA VAL B 312 -16.57 27.15 13.15
C VAL B 312 -17.12 28.55 13.47
N ASP B 313 -17.81 28.66 14.60
CA ASP B 313 -18.41 29.92 15.02
C ASP B 313 -17.38 30.95 15.47
N SER B 314 -16.36 30.52 16.21
CA SER B 314 -15.28 31.40 16.65
CA SER B 314 -15.31 31.44 16.65
C SER B 314 -14.46 31.91 15.47
N THR B 315 -14.05 31.01 14.57
CA THR B 315 -13.29 31.45 13.39
C THR B 315 -14.14 32.37 12.51
N LYS B 316 -15.44 32.10 12.41
CA LYS B 316 -16.33 32.95 11.62
C LYS B 316 -16.42 34.34 12.23
N SER B 317 -16.54 34.42 13.55
CA SER B 317 -16.58 35.71 14.24
C SER B 317 -15.30 36.53 13.99
N ALA B 318 -14.15 35.88 14.02
CA ALA B 318 -12.87 36.55 13.74
C ALA B 318 -12.78 37.03 12.28
N LEU B 319 -13.27 36.22 11.35
CA LEU B 319 -13.32 36.60 9.93
C LEU B 319 -14.21 37.83 9.75
N ASP B 320 -15.41 37.78 10.30
CA ASP B 320 -16.36 38.90 10.22
C ASP B 320 -15.76 40.18 10.78
N ALA B 321 -15.00 40.05 11.88
CA ALA B 321 -14.32 41.20 12.48
C ALA B 321 -13.25 41.79 11.55
N ALA B 322 -12.50 40.93 10.88
CA ALA B 322 -11.44 41.36 9.97
C ALA B 322 -12.03 42.01 8.71
N VAL B 323 -13.12 41.45 8.21
CA VAL B 323 -13.80 41.97 7.02
C VAL B 323 -14.38 43.35 7.33
N LYS B 324 -14.98 43.50 8.50
CA LYS B 324 -15.49 44.81 8.93
C LYS B 324 -14.35 45.81 9.08
N ALA B 325 -13.26 45.39 9.72
CA ALA B 325 -12.08 46.26 9.90
C ALA B 325 -11.64 46.82 8.56
N TYR B 326 -11.56 45.96 7.55
CA TYR B 326 -11.18 46.40 6.22
C TYR B 326 -12.24 47.28 5.55
N ASN B 327 -13.49 46.82 5.55
CA ASN B 327 -14.58 47.54 4.89
C ASN B 327 -14.82 48.93 5.45
N ASP B 328 -14.53 49.12 6.73
CA ASP B 328 -14.71 50.40 7.40
C ASP B 328 -13.61 51.40 7.11
N LEU B 329 -12.48 50.95 6.55
CA LEU B 329 -11.40 51.86 6.18
C LEU B 329 -11.85 52.83 5.08
N THR B 330 -11.25 54.01 5.06
CA THR B 330 -11.41 54.94 3.94
C THR B 330 -10.88 54.30 2.66
N LYS B 331 -11.36 54.79 1.51
CA LYS B 331 -10.86 54.35 0.22
C LYS B 331 -9.35 54.52 0.11
N GLU B 332 -8.83 55.66 0.57
CA GLU B 332 -7.40 55.94 0.49
C GLU B 332 -6.60 55.00 1.39
N LYS B 333 -7.13 54.64 2.55
CA LYS B 333 -6.45 53.69 3.43
C LYS B 333 -6.47 52.30 2.81
N GLN B 334 -7.57 51.94 2.16
CA GLN B 334 -7.68 50.64 1.50
C GLN B 334 -6.68 50.49 0.35
N GLU B 335 -6.42 51.59 -0.36
CA GLU B 335 -5.47 51.59 -1.47
C GLU B 335 -4.01 51.47 -1.02
N GLY B 336 -3.77 51.74 0.26
CA GLY B 336 -2.41 51.81 0.80
C GLY B 336 -2.01 50.62 1.65
N GLN B 337 -0.98 50.83 2.45
CA GLN B 337 -0.35 49.78 3.27
CA GLN B 337 -0.37 49.75 3.22
C GLN B 337 -1.31 49.19 4.28
N ASP B 338 -2.17 50.04 4.85
CA ASP B 338 -3.11 49.61 5.88
C ASP B 338 -4.18 48.69 5.31
N GLY B 339 -4.68 49.02 4.12
CA GLY B 339 -5.63 48.16 3.41
C GLY B 339 -5.03 46.81 3.09
N LYS B 340 -3.81 46.82 2.57
CA LYS B 340 -3.12 45.58 2.21
C LYS B 340 -2.90 44.68 3.43
N SER B 341 -2.46 45.25 4.55
CA SER B 341 -2.25 44.45 5.77
CA SER B 341 -2.26 44.48 5.79
C SER B 341 -3.57 43.95 6.33
N ALA B 342 -4.61 44.79 6.28
CA ALA B 342 -5.94 44.39 6.73
C ALA B 342 -6.47 43.23 5.91
N LEU B 343 -6.26 43.28 4.59
CA LEU B 343 -6.70 42.19 3.70
C LEU B 343 -5.89 40.92 3.90
N ALA B 344 -4.60 41.05 4.17
CA ALA B 344 -3.79 39.89 4.50
C ALA B 344 -4.41 39.18 5.69
N THR B 345 -4.80 39.94 6.71
CA THR B 345 -5.42 39.40 7.90
C THR B 345 -6.75 38.72 7.58
N VAL B 346 -7.57 39.35 6.75
CA VAL B 346 -8.83 38.75 6.29
C VAL B 346 -8.57 37.35 5.70
N SER B 347 -7.60 37.24 4.80
CA SER B 347 -7.27 35.96 4.19
C SER B 347 -6.79 34.89 5.20
N GLU B 348 -6.04 35.32 6.23
CA GLU B 348 -5.65 34.40 7.31
C GLU B 348 -6.88 33.88 8.06
N LYS B 349 -7.82 34.78 8.37
CA LYS B 349 -9.03 34.40 9.09
C LYS B 349 -9.93 33.53 8.21
N GLN B 350 -9.95 33.83 6.90
CA GLN B 350 -10.69 33.02 5.93
C GLN B 350 -10.14 31.59 5.91
N LYS B 351 -8.81 31.45 5.89
CA LYS B 351 -8.18 30.14 5.89
C LYS B 351 -8.54 29.35 7.15
N ALA B 352 -8.50 30.02 8.30
CA ALA B 352 -8.84 29.38 9.58
C ALA B 352 -10.30 28.93 9.63
N TYR B 353 -11.19 29.73 9.05
CA TYR B 353 -12.61 29.40 8.99
C TYR B 353 -12.85 28.19 8.10
N ASN B 354 -12.27 28.18 6.90
CA ASN B 354 -12.39 27.05 6.00
C ASN B 354 -11.83 25.79 6.64
N ASP B 355 -10.67 25.92 7.30
CA ASP B 355 -10.03 24.81 8.01
C ASP B 355 -10.94 24.25 9.10
N ALA B 356 -11.60 25.13 9.87
CA ALA B 356 -12.52 24.72 10.92
C ALA B 356 -13.71 23.94 10.38
N PHE B 357 -14.28 24.41 9.27
CA PHE B 357 -15.41 23.72 8.66
C PHE B 357 -15.02 22.31 8.19
N VAL B 358 -13.80 22.18 7.64
CA VAL B 358 -13.29 20.87 7.23
C VAL B 358 -13.13 19.95 8.44
N LYS B 359 -12.64 20.50 9.56
CA LYS B 359 -12.50 19.72 10.80
C LYS B 359 -13.85 19.36 11.43
N ALA B 360 -14.89 20.13 11.10
CA ALA B 360 -16.27 19.83 11.52
C ALA B 360 -17.01 18.98 10.47
N ASN B 361 -16.27 18.39 9.52
CA ASN B 361 -16.85 17.43 8.57
C ASN B 361 -18.08 17.95 7.85
N TYR B 362 -17.97 19.17 7.32
CA TYR B 362 -19.13 19.89 6.80
C TYR B 362 -19.86 19.17 5.67
N SER B 363 -21.13 19.52 5.53
CA SER B 363 -21.95 19.20 4.36
C SER B 363 -22.29 20.52 3.68
N TYR B 364 -22.33 20.50 2.35
CA TYR B 364 -22.93 21.60 1.59
C TYR B 364 -24.45 21.48 1.56
N GLU B 365 -25.10 22.63 1.44
CA GLU B 365 -26.50 22.73 1.04
C GLU B 365 -26.63 23.92 0.11
N TRP B 366 -27.71 23.94 -0.69
CA TRP B 366 -28.00 25.04 -1.59
C TRP B 366 -29.19 25.83 -1.05
N VAL B 367 -29.03 27.15 -0.91
CA VAL B 367 -30.07 27.98 -0.30
C VAL B 367 -30.54 29.09 -1.24
N GLU B 368 -31.75 29.59 -0.97
CA GLU B 368 -32.35 30.64 -1.79
C GLU B 368 -31.78 32.02 -1.48
N ASP B 369 -31.48 32.25 -0.20
CA ASP B 369 -31.08 33.55 0.30
C ASP B 369 -29.55 33.71 0.30
N LYS B 370 -29.07 34.63 -0.54
CA LYS B 370 -27.63 34.91 -0.65
C LYS B 370 -27.06 35.56 0.61
N ASN B 371 -27.93 36.10 1.46
CA ASN B 371 -27.49 36.68 2.73
C ASN B 371 -27.66 35.73 3.94
N ALA B 372 -27.88 34.45 3.67
CA ALA B 372 -27.90 33.45 4.73
C ALA B 372 -26.56 33.45 5.48
N LYS B 373 -26.62 33.24 6.79
CA LYS B 373 -25.44 33.34 7.66
C LYS B 373 -24.32 32.37 7.27
N ASN B 374 -24.72 31.19 6.77
CA ASN B 374 -23.77 30.12 6.43
C ASN B 374 -23.36 30.02 4.95
N VAL B 375 -23.67 31.05 4.17
CA VAL B 375 -23.36 31.04 2.73
C VAL B 375 -21.84 31.04 2.49
N VAL B 376 -21.40 30.32 1.47
CA VAL B 376 -20.00 30.28 1.08
C VAL B 376 -19.62 31.59 0.40
N LYS B 377 -18.57 32.23 0.90
CA LYS B 377 -17.99 33.39 0.24
C LYS B 377 -16.52 33.12 0.05
N LEU B 378 -16.08 33.08 -1.20
CA LEU B 378 -14.66 32.93 -1.54
C LEU B 378 -14.02 34.31 -1.62
N ILE B 379 -12.79 34.42 -1.13
CA ILE B 379 -12.09 35.70 -1.07
C ILE B 379 -10.68 35.54 -1.64
N SER B 380 -10.35 36.30 -2.68
CA SER B 380 -9.01 36.20 -3.28
C SER B 380 -7.94 36.71 -2.32
N ASN B 381 -6.82 35.99 -2.25
CA ASN B 381 -5.68 36.41 -1.42
C ASN B 381 -4.72 37.31 -2.19
N ASP B 382 -3.58 37.64 -1.59
CA ASP B 382 -2.61 38.55 -2.19
C ASP B 382 -1.98 38.01 -3.50
N LYS B 383 -2.09 36.71 -3.72
CA LYS B 383 -1.71 36.10 -5.00
C LYS B 383 -2.91 35.92 -5.94
N GLY B 384 -4.03 36.56 -5.62
CA GLY B 384 -5.26 36.44 -6.40
C GLY B 384 -5.97 35.10 -6.30
N GLN B 385 -5.48 34.23 -5.44
CA GLN B 385 -5.96 32.85 -5.39
C GLN B 385 -7.26 32.71 -4.63
N PHE B 386 -8.17 31.92 -5.18
CA PHE B 386 -9.27 31.33 -4.43
C PHE B 386 -9.70 30.05 -5.13
N GLU B 387 -10.44 29.21 -4.42
CA GLU B 387 -10.83 27.91 -4.96
C GLU B 387 -12.04 27.32 -4.28
N ILE B 388 -12.62 26.32 -4.94
CA ILE B 388 -13.78 25.63 -4.42
C ILE B 388 -13.61 24.13 -4.68
N THR B 389 -13.81 23.32 -3.63
CA THR B 389 -13.77 21.87 -3.80
C THR B 389 -15.02 21.26 -3.18
N GLY B 390 -15.29 20.01 -3.53
CA GLY B 390 -16.42 19.29 -2.98
C GLY B 390 -17.69 19.38 -3.80
N LEU B 391 -17.55 19.67 -5.10
CA LEU B 391 -18.69 19.78 -6.00
C LEU B 391 -18.71 18.66 -7.02
N THR B 392 -19.90 18.17 -7.31
CA THR B 392 -20.07 17.18 -8.36
C THR B 392 -19.87 17.84 -9.73
N GLU B 393 -19.59 17.01 -10.73
CA GLU B 393 -19.40 17.47 -12.11
CA GLU B 393 -19.38 17.48 -12.10
C GLU B 393 -20.58 18.32 -12.58
N GLY B 394 -20.29 19.41 -13.28
CA GLY B 394 -21.32 20.29 -13.83
C GLY B 394 -20.88 21.74 -13.99
N GLN B 395 -21.83 22.58 -14.37
CA GLN B 395 -21.57 24.01 -14.56
C GLN B 395 -22.07 24.81 -13.36
N TYR B 396 -21.25 25.77 -12.95
CA TYR B 396 -21.56 26.62 -11.81
C TYR B 396 -21.23 28.07 -12.16
N SER B 397 -21.56 28.98 -11.27
CA SER B 397 -21.25 30.41 -11.45
C SER B 397 -20.71 31.04 -10.18
N LEU B 398 -19.84 32.02 -10.35
CA LEU B 398 -19.42 32.90 -9.26
C LEU B 398 -20.21 34.19 -9.37
N GLU B 399 -20.78 34.64 -8.26
CA GLU B 399 -21.46 35.93 -8.20
C GLU B 399 -20.67 36.82 -7.25
N GLU B 400 -20.13 37.93 -7.77
CA GLU B 400 -19.32 38.83 -6.96
C GLU B 400 -20.17 39.61 -5.95
N THR B 401 -19.67 39.71 -4.72
CA THR B 401 -20.27 40.56 -3.71
C THR B 401 -19.38 41.74 -3.35
N GLN B 402 -18.08 41.62 -3.60
CA GLN B 402 -17.17 42.74 -3.38
C GLN B 402 -15.99 42.73 -4.35
N ALA B 403 -15.71 43.89 -4.93
CA ALA B 403 -14.61 44.05 -5.86
C ALA B 403 -13.34 44.40 -5.10
N PRO B 404 -12.16 44.07 -5.66
CA PRO B 404 -10.93 44.57 -5.08
C PRO B 404 -10.90 46.10 -5.13
N THR B 405 -10.40 46.74 -4.08
CA THR B 405 -10.38 48.20 -4.00
C THR B 405 -9.84 48.83 -5.28
N GLY B 406 -10.60 49.78 -5.82
CA GLY B 406 -10.18 50.51 -7.02
C GLY B 406 -10.50 49.81 -8.33
N TYR B 407 -11.10 48.63 -8.27
CA TYR B 407 -11.52 47.92 -9.48
C TYR B 407 -13.04 47.89 -9.57
N ALA B 408 -13.54 47.83 -10.80
CA ALA B 408 -14.96 47.89 -11.04
C ALA B 408 -15.64 46.60 -10.62
N LYS B 409 -16.87 46.74 -10.13
CA LYS B 409 -17.80 45.64 -9.95
C LYS B 409 -17.95 44.89 -11.29
N LEU B 410 -17.87 43.56 -11.25
CA LEU B 410 -18.08 42.75 -12.46
C LEU B 410 -19.49 42.97 -13.00
N SER B 411 -19.62 42.96 -14.32
CA SER B 411 -20.90 43.24 -14.97
C SER B 411 -21.77 41.98 -15.06
N GLY B 412 -21.21 40.83 -14.70
CA GLY B 412 -21.97 39.58 -14.74
C GLY B 412 -21.33 38.50 -13.91
N ASP B 413 -22.01 37.36 -13.85
CA ASP B 413 -21.48 36.17 -13.17
C ASP B 413 -20.34 35.58 -14.00
N VAL B 414 -19.46 34.85 -13.32
CA VAL B 414 -18.38 34.15 -13.98
C VAL B 414 -18.70 32.67 -14.01
N SER B 415 -18.90 32.12 -15.20
CA SER B 415 -19.21 30.70 -15.36
CA SER B 415 -19.20 30.70 -15.37
C SER B 415 -17.94 29.88 -15.20
N PHE B 416 -18.08 28.71 -14.58
CA PHE B 416 -16.99 27.74 -14.51
C PHE B 416 -17.53 26.32 -14.55
N ASN B 417 -16.71 25.41 -15.04
CA ASN B 417 -17.08 24.01 -15.14
C ASN B 417 -16.20 23.18 -14.23
N VAL B 418 -16.84 22.21 -13.57
CA VAL B 418 -16.14 21.25 -12.73
C VAL B 418 -16.27 19.88 -13.39
N ASN B 419 -15.17 19.13 -13.39
CA ASN B 419 -15.14 17.79 -13.97
C ASN B 419 -14.02 16.99 -13.33
N ALA B 420 -13.82 15.76 -13.80
CA ALA B 420 -12.89 14.81 -13.18
C ALA B 420 -11.49 15.34 -12.93
N THR B 421 -11.00 16.25 -13.79
CA THR B 421 -9.65 16.78 -13.62
C THR B 421 -9.59 18.31 -13.67
N SER B 422 -10.70 18.99 -13.41
CA SER B 422 -10.71 20.47 -13.45
C SER B 422 -9.82 21.07 -12.36
N TYR B 423 -9.72 20.42 -11.22
CA TYR B 423 -8.90 20.93 -10.12
C TYR B 423 -7.41 20.72 -10.38
N SER B 424 -7.03 19.50 -10.76
CA SER B 424 -5.62 19.14 -10.92
C SER B 424 -5.03 19.61 -12.25
N LYS B 425 -5.79 19.47 -13.33
CA LYS B 425 -5.29 19.75 -14.68
C LYS B 425 -5.80 21.07 -15.24
N GLY B 426 -7.03 21.43 -14.91
CA GLY B 426 -7.63 22.66 -15.39
C GLY B 426 -8.13 22.54 -16.83
N SER B 427 -8.35 23.69 -17.45
CA SER B 427 -8.83 23.77 -18.82
C SER B 427 -7.81 24.47 -19.69
N ALA B 428 -8.07 24.46 -21.00
CA ALA B 428 -7.33 25.30 -21.93
C ALA B 428 -7.61 26.76 -21.60
N GLN B 429 -6.58 27.60 -21.73
CA GLN B 429 -6.64 29.03 -21.42
C GLN B 429 -6.54 29.35 -19.91
N ASP B 430 -6.33 28.34 -19.07
CA ASP B 430 -6.04 28.57 -17.66
C ASP B 430 -4.68 29.28 -17.51
N ILE B 431 -4.48 29.91 -16.37
CA ILE B 431 -3.18 30.46 -15.99
C ILE B 431 -2.70 29.71 -14.74
N GLU B 432 -1.52 30.07 -14.25
CA GLU B 432 -0.95 29.38 -13.10
C GLU B 432 -1.60 29.82 -11.79
N TYR B 433 -1.99 28.86 -10.96
CA TYR B 433 -2.52 29.14 -9.62
C TYR B 433 -1.41 29.74 -8.75
N THR B 434 -0.21 29.18 -8.92
CA THR B 434 1.01 29.74 -8.33
C THR B 434 1.95 30.05 -9.49
N GLN B 435 2.23 31.33 -9.72
CA GLN B 435 3.04 31.72 -10.89
C GLN B 435 4.48 31.20 -10.75
N GLY B 436 5.08 30.87 -11.89
CA GLY B 436 6.39 30.25 -11.92
C GLY B 436 6.38 28.72 -11.80
N SER B 437 5.22 28.16 -11.44
CA SER B 437 5.08 26.71 -11.26
C SER B 437 5.12 25.93 -12.58
N LYS B 438 4.72 26.58 -13.67
CA LYS B 438 4.59 25.93 -14.99
C LYS B 438 3.43 24.93 -15.06
N THR B 439 2.46 25.07 -14.15
CA THR B 439 1.24 24.28 -14.16
C THR B 439 0.06 25.23 -14.31
N LYS B 440 -0.64 25.12 -15.45
CA LYS B 440 -1.74 26.02 -15.77
C LYS B 440 -3.07 25.39 -15.38
N ASP B 441 -3.46 25.63 -14.14
CA ASP B 441 -4.59 24.95 -13.51
C ASP B 441 -5.62 25.89 -12.88
N ALA B 442 -5.56 27.17 -13.19
CA ALA B 442 -6.49 28.13 -12.59
C ALA B 442 -7.20 28.97 -13.65
N GLN B 443 -8.50 29.17 -13.45
CA GLN B 443 -9.29 30.05 -14.30
C GLN B 443 -8.98 31.50 -13.93
N GLN B 444 -8.57 32.29 -14.92
CA GLN B 444 -8.28 33.70 -14.71
C GLN B 444 -9.59 34.48 -14.67
N VAL B 445 -9.76 35.31 -13.63
CA VAL B 445 -10.90 36.19 -13.49
C VAL B 445 -10.45 37.64 -13.56
N ILE B 446 -10.72 38.29 -14.69
CA ILE B 446 -10.15 39.60 -15.01
C ILE B 446 -10.94 40.75 -14.39
N ASN B 447 -10.22 41.69 -13.77
CA ASN B 447 -10.79 42.93 -13.26
C ASN B 447 -10.28 44.13 -14.05
N LYS B 448 -11.09 45.17 -14.14
CA LYS B 448 -10.73 46.42 -14.79
C LYS B 448 -10.85 47.56 -13.79
N LYS B 449 -9.92 48.51 -13.86
CA LYS B 449 -9.94 49.66 -12.96
C LYS B 449 -11.23 50.46 -13.09
N VAL B 450 -11.67 51.06 -11.99
CA VAL B 450 -12.81 51.98 -12.02
C VAL B 450 -12.50 53.18 -12.94
N THR B 451 -13.49 53.56 -13.74
CA THR B 451 -13.37 54.71 -14.67
C THR B 451 -13.77 56.00 -13.97
N ILE B 452 -13.14 57.11 -14.36
CA ILE B 452 -13.44 58.43 -13.79
C ILE B 452 -14.32 59.22 -14.75
#